data_8H3C
#
_entry.id   8H3C
#
_cell.length_a   104.818
_cell.length_b   120.398
_cell.length_c   176.858
_cell.angle_alpha   90.000
_cell.angle_beta   90.000
_cell.angle_gamma   90.000
#
_symmetry.space_group_name_H-M   'P 21 21 21'
#
loop_
_entity.id
_entity.type
_entity.pdbx_description
1 polymer 'Single Chain Variable Fragment'
2 polymer 'Matrix protein 2'
#
loop_
_entity_poly.entity_id
_entity_poly.type
_entity_poly.pdbx_seq_one_letter_code
_entity_poly.pdbx_strand_id
1 'polypeptide(L)'
;MAEVQLLESGGGLVQPGGSLRLSCAASGFTFSSYAMSWVRQAPGKGLEWVSTILQHGQRTLYADSVKGRFTISRDNSKNT
LYLQMNSLRAEDTAVYYCAKNRAVFDYWGQGTLVTVSSGGGGSGGGGSGGGGSTDIQMTQSPSSLSASVGDRVTITCRAS
QSISSYLNWYQQKPGKAPKLLIYTASTLQSGVPSRFSGSGSGTDFTLTISSLQPEDFATYYCQQYRQRPPTFGQGTKVEI
KRAAALEHHHHHH
;
A,B,C,D,E
2 'polypeptide(L)' SLLTEVETPIRNEWG F,G
#
# COMPACT_ATOMS: atom_id res chain seq x y z
N GLU A 3 -23.43 -6.93 -7.02
CA GLU A 3 -22.00 -7.10 -6.80
C GLU A 3 -21.53 -6.35 -5.55
N VAL A 4 -21.91 -5.08 -5.45
CA VAL A 4 -21.52 -4.24 -4.32
C VAL A 4 -22.58 -4.35 -3.24
N GLN A 5 -22.17 -4.81 -2.06
CA GLN A 5 -23.06 -5.01 -0.92
C GLN A 5 -22.77 -3.98 0.17
N LEU A 6 -23.84 -3.47 0.78
CA LEU A 6 -23.77 -2.52 1.89
C LEU A 6 -24.79 -2.98 2.94
N LEU A 7 -24.34 -3.83 3.87
CA LEU A 7 -25.23 -4.42 4.85
C LEU A 7 -25.24 -3.57 6.13
N GLU A 8 -26.41 -3.06 6.50
CA GLU A 8 -26.55 -2.23 7.68
C GLU A 8 -27.10 -3.02 8.85
N SER A 9 -26.74 -2.57 10.05
CA SER A 9 -27.22 -3.17 11.28
C SER A 9 -27.02 -2.15 12.41
N GLY A 10 -27.56 -2.49 13.58
CA GLY A 10 -27.43 -1.66 14.76
C GLY A 10 -28.64 -0.81 15.08
N GLY A 11 -29.63 -0.75 14.18
CA GLY A 11 -30.82 0.01 14.42
C GLY A 11 -31.80 -0.73 15.32
N GLY A 12 -32.90 -0.04 15.62
CA GLY A 12 -33.93 -0.63 16.45
C GLY A 12 -34.82 0.40 17.12
N LEU A 13 -35.17 0.14 18.38
CA LEU A 13 -36.06 1.00 19.15
C LEU A 13 -35.35 1.42 20.43
N VAL A 14 -35.34 2.73 20.71
CA VAL A 14 -34.67 3.25 21.90
C VAL A 14 -35.50 4.37 22.52
N GLN A 15 -35.25 4.60 23.81
CA GLN A 15 -35.89 5.68 24.53
C GLN A 15 -35.24 7.02 24.18
N PRO A 16 -35.99 8.12 24.29
CA PRO A 16 -35.40 9.44 24.02
C PRO A 16 -34.21 9.69 24.94
N GLY A 17 -33.15 10.24 24.36
CA GLY A 17 -31.92 10.48 25.09
C GLY A 17 -30.93 9.34 25.02
N GLY A 18 -31.34 8.17 24.54
CA GLY A 18 -30.49 7.02 24.44
C GLY A 18 -29.50 7.12 23.31
N SER A 19 -28.75 6.04 23.12
CA SER A 19 -27.71 5.99 22.10
C SER A 19 -27.85 4.71 21.29
N LEU A 20 -27.29 4.76 20.08
CA LEU A 20 -27.29 3.64 19.16
C LEU A 20 -26.01 3.70 18.33
N ARG A 21 -25.62 2.56 17.79
CA ARG A 21 -24.45 2.50 16.90
C ARG A 21 -24.85 1.76 15.64
N LEU A 22 -24.88 2.45 14.51
CA LEU A 22 -25.18 1.84 13.24
C LEU A 22 -23.88 1.44 12.55
N SER A 23 -23.85 0.24 12.00
CA SER A 23 -22.68 -0.28 11.31
C SER A 23 -23.09 -0.73 9.92
N CYS A 24 -22.37 -0.26 8.91
CA CYS A 24 -22.63 -0.58 7.51
C CYS A 24 -21.38 -1.25 6.97
N ALA A 25 -21.45 -2.56 6.76
CA ALA A 25 -20.34 -3.35 6.25
C ALA A 25 -20.42 -3.35 4.72
N ALA A 26 -19.38 -2.84 4.09
CA ALA A 26 -19.30 -2.71 2.64
C ALA A 26 -18.42 -3.81 2.05
N SER A 27 -18.74 -4.20 0.82
CA SER A 27 -17.96 -5.21 0.12
C SER A 27 -18.21 -5.06 -1.38
N GLY A 28 -17.17 -5.31 -2.18
CA GLY A 28 -17.27 -5.20 -3.62
C GLY A 28 -16.59 -3.98 -4.21
N PHE A 29 -15.91 -3.17 -3.41
CA PHE A 29 -15.20 -2.01 -3.92
C PHE A 29 -14.12 -1.64 -2.92
N THR A 30 -13.20 -0.77 -3.36
CA THR A 30 -12.11 -0.29 -2.52
C THR A 30 -12.68 0.69 -1.50
N PHE A 31 -12.97 0.19 -0.30
CA PHE A 31 -13.62 1.02 0.71
C PHE A 31 -12.76 2.21 1.09
N SER A 32 -11.45 2.01 1.25
CA SER A 32 -10.57 3.08 1.68
C SER A 32 -10.35 4.15 0.63
N SER A 33 -10.87 3.97 -0.58
CA SER A 33 -10.70 4.93 -1.66
C SER A 33 -11.91 5.83 -1.86
N TYR A 34 -13.07 5.46 -1.32
CA TYR A 34 -14.31 6.21 -1.50
C TYR A 34 -14.73 6.86 -0.18
N ALA A 35 -15.45 7.96 -0.30
CA ALA A 35 -16.12 8.55 0.86
C ALA A 35 -17.41 7.79 1.16
N MET A 36 -17.87 7.92 2.40
CA MET A 36 -19.07 7.21 2.84
C MET A 36 -20.02 8.18 3.52
N SER A 37 -21.33 7.94 3.37
CA SER A 37 -22.33 8.86 3.88
C SER A 37 -23.45 8.11 4.57
N TRP A 38 -24.10 8.79 5.51
CA TRP A 38 -25.35 8.34 6.12
C TRP A 38 -26.44 9.33 5.73
N VAL A 39 -27.55 8.80 5.23
CA VAL A 39 -28.71 9.58 4.80
C VAL A 39 -29.95 8.95 5.41
N ARG A 40 -30.76 9.75 6.10
CA ARG A 40 -31.94 9.25 6.77
C ARG A 40 -33.22 9.73 6.08
N GLN A 41 -34.27 8.95 6.23
CA GLN A 41 -35.60 9.26 5.69
C GLN A 41 -36.62 9.12 6.80
N ALA A 42 -37.21 10.25 7.21
CA ALA A 42 -38.25 10.24 8.21
C ALA A 42 -39.51 9.57 7.67
N PRO A 43 -40.37 9.04 8.54
CA PRO A 43 -41.60 8.39 8.06
C PRO A 43 -42.46 9.37 7.28
N GLY A 44 -42.77 9.01 6.03
CA GLY A 44 -43.59 9.85 5.20
C GLY A 44 -42.97 11.16 4.78
N LYS A 45 -41.64 11.26 4.79
CA LYS A 45 -40.94 12.47 4.38
C LYS A 45 -39.88 12.12 3.35
N GLY A 46 -39.13 13.14 2.93
CA GLY A 46 -38.07 12.95 1.96
C GLY A 46 -36.75 12.56 2.60
N LEU A 47 -35.76 12.33 1.74
CA LEU A 47 -34.44 11.96 2.22
C LEU A 47 -33.76 13.19 2.81
N GLU A 48 -32.86 12.93 3.76
CA GLU A 48 -32.15 14.00 4.46
C GLU A 48 -30.72 13.56 4.70
N TRP A 49 -29.78 14.37 4.25
CA TRP A 49 -28.37 14.06 4.44
C TRP A 49 -27.99 14.20 5.91
N VAL A 50 -27.32 13.18 6.45
CA VAL A 50 -26.91 13.16 7.85
C VAL A 50 -25.41 13.41 8.00
N SER A 51 -24.58 12.57 7.38
CA SER A 51 -23.15 12.70 7.61
C SER A 51 -22.35 12.10 6.47
N THR A 52 -21.06 12.43 6.44
CA THR A 52 -20.09 11.85 5.50
C THR A 52 -18.71 11.84 6.14
N ILE A 53 -17.95 10.81 5.78
CA ILE A 53 -16.55 10.67 6.15
C ILE A 53 -15.77 10.54 4.84
N LEU A 54 -14.68 11.28 4.73
CA LEU A 54 -13.90 11.28 3.50
C LEU A 54 -12.76 10.28 3.61
N GLN A 55 -12.10 10.06 2.48
CA GLN A 55 -11.03 9.07 2.42
C GLN A 55 -9.74 9.67 2.98
N HIS A 56 -8.97 8.82 3.67
CA HIS A 56 -7.66 9.12 4.26
C HIS A 56 -7.50 10.58 4.67
N GLY A 57 -8.53 11.16 5.27
CA GLY A 57 -8.48 12.52 5.74
C GLY A 57 -9.01 12.53 7.15
N GLN A 58 -9.66 11.42 7.52
CA GLN A 58 -10.31 11.27 8.82
C GLN A 58 -11.14 12.50 9.13
N ARG A 59 -11.78 13.03 8.10
CA ARG A 59 -12.49 14.29 8.17
C ARG A 59 -13.98 14.01 8.06
N THR A 60 -14.74 14.64 8.93
CA THR A 60 -16.16 14.38 9.04
C THR A 60 -16.96 15.62 8.71
N LEU A 61 -18.11 15.41 8.07
CA LEU A 61 -19.04 16.47 7.78
C LEU A 61 -20.39 16.00 8.31
N TYR A 62 -21.08 16.87 9.03
CA TYR A 62 -22.35 16.52 9.66
C TYR A 62 -23.42 17.53 9.28
N ALA A 63 -24.67 17.08 9.31
CA ALA A 63 -25.79 17.99 9.17
C ALA A 63 -25.96 18.81 10.45
N ASP A 64 -26.57 19.98 10.30
CA ASP A 64 -26.72 20.89 11.43
C ASP A 64 -27.66 20.33 12.49
N SER A 65 -28.66 19.54 12.08
CA SER A 65 -29.63 19.00 13.03
C SER A 65 -29.03 17.91 13.91
N VAL A 66 -27.98 17.23 13.44
CA VAL A 66 -27.36 16.15 14.19
C VAL A 66 -25.93 16.48 14.60
N LYS A 67 -25.51 17.74 14.41
CA LYS A 67 -24.15 18.12 14.77
C LYS A 67 -23.97 18.09 16.27
N GLY A 68 -22.85 17.54 16.72
CA GLY A 68 -22.55 17.39 18.13
C GLY A 68 -23.12 16.14 18.76
N ARG A 69 -24.20 15.60 18.21
CA ARG A 69 -24.83 14.40 18.74
C ARG A 69 -24.40 13.14 18.01
N PHE A 70 -24.20 13.22 16.70
CA PHE A 70 -23.79 12.06 15.92
C PHE A 70 -22.30 12.15 15.61
N THR A 71 -21.68 10.98 15.52
CA THR A 71 -20.24 10.89 15.24
C THR A 71 -20.02 9.77 14.24
N ILE A 72 -19.54 10.12 13.06
CA ILE A 72 -19.29 9.14 12.03
C ILE A 72 -17.84 8.70 12.09
N SER A 73 -17.60 7.44 11.75
CA SER A 73 -16.25 6.89 11.78
C SER A 73 -16.19 5.75 10.77
N ARG A 74 -14.96 5.31 10.49
CA ARG A 74 -14.77 4.22 9.55
C ARG A 74 -13.62 3.34 10.01
N ASP A 75 -13.73 2.05 9.70
CA ASP A 75 -12.69 1.05 9.96
C ASP A 75 -12.34 0.46 8.60
N ASN A 76 -11.24 0.94 8.02
CA ASN A 76 -10.81 0.50 6.70
C ASN A 76 -10.30 -0.94 6.73
N SER A 77 -9.85 -1.41 7.90
CA SER A 77 -9.42 -2.81 8.00
C SER A 77 -10.61 -3.76 7.94
N LYS A 78 -11.76 -3.33 8.47
CA LYS A 78 -12.98 -4.12 8.43
C LYS A 78 -13.90 -3.72 7.28
N ASN A 79 -13.57 -2.66 6.56
CA ASN A 79 -14.42 -2.12 5.49
C ASN A 79 -15.81 -1.81 6.05
N THR A 80 -15.82 -1.11 7.18
CA THR A 80 -17.09 -0.85 7.87
C THR A 80 -17.22 0.63 8.19
N LEU A 81 -18.44 1.14 8.09
CA LEU A 81 -18.76 2.54 8.37
C LEU A 81 -19.68 2.61 9.57
N TYR A 82 -19.27 3.32 10.62
CA TYR A 82 -20.03 3.42 11.84
C TYR A 82 -20.62 4.81 11.99
N LEU A 83 -21.78 4.85 12.65
CA LEU A 83 -22.46 6.10 12.99
C LEU A 83 -22.94 5.97 14.42
N GLN A 84 -22.32 6.71 15.33
CA GLN A 84 -22.67 6.70 16.74
C GLN A 84 -23.67 7.81 16.99
N MET A 85 -24.89 7.44 17.38
CA MET A 85 -25.97 8.38 17.64
C MET A 85 -26.15 8.52 19.14
N ASN A 86 -26.01 9.73 19.65
CA ASN A 86 -26.13 10.00 21.06
C ASN A 86 -27.16 11.10 21.29
N SER A 87 -27.74 11.10 22.49
CA SER A 87 -28.79 12.06 22.86
C SER A 87 -29.91 12.06 21.82
N LEU A 88 -30.38 10.86 21.50
CA LEU A 88 -31.36 10.70 20.43
C LEU A 88 -32.66 11.41 20.77
N ARG A 89 -33.14 12.23 19.84
CA ARG A 89 -34.40 12.94 19.96
C ARG A 89 -35.50 12.17 19.24
N ALA A 90 -36.74 12.62 19.45
CA ALA A 90 -37.87 12.00 18.75
C ALA A 90 -37.80 12.27 17.25
N GLU A 91 -37.22 13.40 16.85
CA GLU A 91 -37.09 13.72 15.43
C GLU A 91 -36.13 12.79 14.70
N ASP A 92 -35.20 12.16 15.44
CA ASP A 92 -34.22 11.28 14.82
C ASP A 92 -34.83 9.97 14.33
N THR A 93 -36.09 9.68 14.65
CA THR A 93 -36.72 8.46 14.19
C THR A 93 -36.83 8.47 12.67
N ALA A 94 -36.22 7.48 12.03
CA ALA A 94 -36.17 7.44 10.57
C ALA A 94 -35.54 6.13 10.12
N VAL A 95 -35.51 5.91 8.82
CA VAL A 95 -34.77 4.81 8.21
C VAL A 95 -33.43 5.37 7.75
N TYR A 96 -32.35 4.77 8.22
CA TYR A 96 -31.00 5.26 7.96
C TYR A 96 -30.34 4.37 6.91
N TYR A 97 -29.93 4.97 5.80
CA TYR A 97 -29.23 4.30 4.73
C TYR A 97 -27.77 4.72 4.73
N CYS A 98 -26.87 3.77 4.48
CA CYS A 98 -25.48 4.10 4.21
C CYS A 98 -25.30 4.16 2.70
N ALA A 99 -24.72 5.24 2.21
CA ALA A 99 -24.56 5.48 0.80
C ALA A 99 -23.09 5.67 0.47
N LYS A 100 -22.71 5.21 -0.71
CA LYS A 100 -21.35 5.36 -1.20
C LYS A 100 -21.15 6.75 -1.79
N ASN A 101 -19.91 7.24 -1.71
CA ASN A 101 -19.49 8.54 -2.22
C ASN A 101 -20.08 9.68 -1.39
N ARG A 102 -19.70 10.92 -1.71
CA ARG A 102 -20.14 12.08 -0.95
C ARG A 102 -21.14 12.97 -1.69
N ALA A 103 -21.04 13.06 -3.02
CA ALA A 103 -21.94 13.91 -3.80
C ALA A 103 -22.93 13.12 -4.63
N VAL A 104 -22.50 12.05 -5.27
CA VAL A 104 -23.36 11.21 -6.10
C VAL A 104 -23.34 9.80 -5.52
N PHE A 105 -24.42 9.43 -4.84
CA PHE A 105 -24.51 8.15 -4.13
C PHE A 105 -24.96 7.03 -5.08
N ASP A 106 -23.99 6.28 -5.61
CA ASP A 106 -24.31 5.24 -6.58
C ASP A 106 -24.90 3.99 -5.92
N TYR A 107 -24.40 3.59 -4.76
CA TYR A 107 -24.86 2.39 -4.07
C TYR A 107 -25.36 2.74 -2.68
N TRP A 108 -26.53 2.21 -2.33
CA TRP A 108 -27.18 2.47 -1.05
C TRP A 108 -27.37 1.17 -0.28
N GLY A 109 -27.43 1.30 1.05
CA GLY A 109 -27.85 0.19 1.88
C GLY A 109 -29.36 0.04 1.93
N GLN A 110 -29.81 -1.13 2.39
CA GLN A 110 -31.25 -1.41 2.44
C GLN A 110 -31.96 -0.56 3.47
N GLY A 111 -31.24 0.09 4.37
CA GLY A 111 -31.84 0.95 5.37
C GLY A 111 -32.11 0.22 6.66
N THR A 112 -31.94 0.90 7.79
CA THR A 112 -32.26 0.33 9.09
C THR A 112 -33.14 1.29 9.85
N LEU A 113 -34.19 0.76 10.48
CA LEU A 113 -35.17 1.61 11.15
C LEU A 113 -34.69 1.95 12.55
N VAL A 114 -34.80 3.23 12.92
CA VAL A 114 -34.50 3.70 14.26
C VAL A 114 -35.72 4.45 14.76
N THR A 115 -36.36 3.93 15.80
CA THR A 115 -37.56 4.52 16.38
C THR A 115 -37.27 4.99 17.79
N VAL A 116 -37.60 6.25 18.05
CA VAL A 116 -37.39 6.89 19.35
C VAL A 116 -38.75 7.33 19.85
N SER A 117 -39.21 6.70 20.92
CA SER A 117 -40.52 7.02 21.50
C SER A 117 -40.55 6.54 22.94
N SER A 118 -41.67 6.78 23.60
CA SER A 118 -41.84 6.40 25.00
C SER A 118 -43.12 5.60 25.20
N THR A 134 -29.59 29.60 4.47
CA THR A 134 -29.73 28.15 4.48
C THR A 134 -29.16 27.53 3.21
N ASP A 135 -29.51 26.27 2.97
CA ASP A 135 -29.07 25.51 1.82
C ASP A 135 -30.12 25.58 0.72
N ILE A 136 -29.96 24.75 -0.31
CA ILE A 136 -30.84 24.79 -1.48
C ILE A 136 -31.98 23.80 -1.30
N GLN A 137 -33.20 24.28 -1.50
CA GLN A 137 -34.40 23.47 -1.32
C GLN A 137 -34.91 23.01 -2.69
N MET A 138 -35.31 21.74 -2.75
CA MET A 138 -35.75 21.10 -3.99
C MET A 138 -37.23 20.76 -3.92
N THR A 139 -37.97 21.14 -4.94
CA THR A 139 -39.40 20.86 -5.02
C THR A 139 -39.67 20.00 -6.24
N GLN A 140 -40.37 18.89 -6.03
CA GLN A 140 -40.73 17.96 -7.09
C GLN A 140 -42.22 18.06 -7.41
N SER A 141 -42.56 17.79 -8.66
CA SER A 141 -43.93 17.85 -9.14
C SER A 141 -44.19 16.72 -10.12
N PRO A 142 -45.24 15.92 -9.91
CA PRO A 142 -46.19 16.01 -8.79
C PRO A 142 -45.68 15.25 -7.58
N SER A 143 -46.38 15.33 -6.44
CA SER A 143 -46.00 14.52 -5.29
C SER A 143 -46.40 13.07 -5.47
N SER A 144 -47.44 12.81 -6.27
CA SER A 144 -47.86 11.46 -6.60
C SER A 144 -48.59 11.50 -7.93
N LEU A 145 -48.60 10.36 -8.61
CA LEU A 145 -49.29 10.23 -9.88
C LEU A 145 -49.67 8.77 -10.10
N SER A 146 -50.77 8.56 -10.81
CA SER A 146 -51.25 7.23 -11.14
C SER A 146 -51.23 7.08 -12.66
N ALA A 147 -50.43 6.12 -13.14
CA ALA A 147 -50.32 5.86 -14.57
C ALA A 147 -50.40 4.36 -14.81
N SER A 148 -50.65 4.00 -16.06
CA SER A 148 -50.73 2.61 -16.47
C SER A 148 -49.43 2.19 -17.16
N VAL A 149 -49.29 0.89 -17.39
CA VAL A 149 -48.10 0.36 -18.03
C VAL A 149 -48.01 0.87 -19.46
N GLY A 150 -46.82 1.31 -19.86
CA GLY A 150 -46.58 1.83 -21.18
C GLY A 150 -46.78 3.32 -21.34
N ASP A 151 -47.27 4.01 -20.31
CA ASP A 151 -47.46 5.45 -20.40
C ASP A 151 -46.11 6.17 -20.29
N ARG A 152 -46.12 7.45 -20.65
CA ARG A 152 -44.95 8.31 -20.54
C ARG A 152 -45.16 9.27 -19.38
N VAL A 153 -44.33 9.15 -18.34
CA VAL A 153 -44.47 9.93 -17.13
C VAL A 153 -43.35 10.94 -17.05
N THR A 154 -43.67 12.14 -16.54
CA THR A 154 -42.72 13.25 -16.45
C THR A 154 -42.74 13.81 -15.04
N ILE A 155 -41.56 13.90 -14.42
CA ILE A 155 -41.39 14.45 -13.08
C ILE A 155 -40.51 15.69 -13.19
N THR A 156 -40.90 16.75 -12.50
CA THR A 156 -40.20 18.03 -12.54
C THR A 156 -39.51 18.29 -11.22
N CYS A 157 -38.21 18.59 -11.29
CA CYS A 157 -37.40 18.95 -10.13
C CYS A 157 -36.94 20.39 -10.28
N ARG A 158 -37.33 21.23 -9.32
CA ARG A 158 -36.96 22.65 -9.32
C ARG A 158 -36.08 22.94 -8.12
N ALA A 159 -35.02 23.69 -8.35
CA ALA A 159 -34.06 24.07 -7.31
C ALA A 159 -34.31 25.53 -6.93
N SER A 160 -34.12 25.83 -5.64
CA SER A 160 -34.36 27.19 -5.17
C SER A 160 -33.41 28.18 -5.81
N GLN A 161 -32.22 27.73 -6.22
CA GLN A 161 -31.26 28.55 -6.91
C GLN A 161 -30.53 27.70 -7.95
N SER A 162 -29.74 28.35 -8.79
CA SER A 162 -29.06 27.66 -9.87
C SER A 162 -28.07 26.63 -9.33
N ILE A 163 -28.22 25.39 -9.78
CA ILE A 163 -27.35 24.29 -9.39
C ILE A 163 -26.55 23.76 -10.57
N SER A 164 -26.53 24.48 -11.69
CA SER A 164 -25.79 24.11 -12.91
C SER A 164 -26.34 22.76 -13.37
N SER A 165 -25.50 21.75 -13.59
CA SER A 165 -25.95 20.42 -13.99
C SER A 165 -25.64 19.38 -12.91
N TYR A 166 -25.67 19.80 -11.65
CA TYR A 166 -25.36 18.92 -10.53
C TYR A 166 -26.67 18.38 -9.95
N LEU A 167 -27.28 17.47 -10.71
CA LEU A 167 -28.57 16.89 -10.35
C LEU A 167 -28.50 15.38 -10.52
N ASN A 168 -29.08 14.67 -9.55
CA ASN A 168 -29.17 13.21 -9.57
C ASN A 168 -30.61 12.78 -9.39
N TRP A 169 -30.98 11.69 -10.06
CA TRP A 169 -32.28 11.07 -9.95
C TRP A 169 -32.12 9.68 -9.39
N TYR A 170 -32.86 9.38 -8.32
CA TYR A 170 -32.84 8.12 -7.60
C TYR A 170 -34.21 7.47 -7.63
N GLN A 171 -34.22 6.15 -7.71
CA GLN A 171 -35.44 5.34 -7.69
C GLN A 171 -35.45 4.49 -6.43
N GLN A 172 -36.51 4.63 -5.63
CA GLN A 172 -36.69 3.88 -4.39
C GLN A 172 -37.99 3.09 -4.51
N LYS A 173 -37.88 1.77 -4.67
CA LYS A 173 -39.04 0.91 -4.60
C LYS A 173 -39.53 0.85 -3.15
N PRO A 174 -40.79 0.47 -2.94
CA PRO A 174 -41.32 0.43 -1.56
C PRO A 174 -40.50 -0.50 -0.67
N GLY A 175 -39.99 0.05 0.42
CA GLY A 175 -39.26 -0.72 1.41
C GLY A 175 -37.88 -1.19 1.00
N LYS A 176 -37.39 -0.80 -0.16
CA LYS A 176 -36.10 -1.23 -0.66
C LYS A 176 -35.10 -0.07 -0.63
N ALA A 177 -33.87 -0.37 -1.05
CA ALA A 177 -32.82 0.64 -1.06
C ALA A 177 -32.97 1.56 -2.26
N PRO A 178 -32.60 2.83 -2.12
CA PRO A 178 -32.62 3.74 -3.27
C PRO A 178 -31.59 3.31 -4.31
N LYS A 179 -31.98 3.46 -5.58
CA LYS A 179 -31.12 3.13 -6.70
C LYS A 179 -30.85 4.39 -7.51
N LEU A 180 -29.58 4.58 -7.90
CA LEU A 180 -29.20 5.75 -8.68
C LEU A 180 -29.62 5.54 -10.12
N LEU A 181 -30.44 6.46 -10.65
CA LEU A 181 -30.90 6.39 -12.03
C LEU A 181 -30.07 7.28 -12.95
N ILE A 182 -30.03 8.58 -12.66
CA ILE A 182 -29.34 9.54 -13.50
C ILE A 182 -28.42 10.37 -12.62
N TYR A 183 -27.25 10.72 -13.15
CA TYR A 183 -26.36 11.64 -12.45
C TYR A 183 -25.93 12.75 -13.41
N THR A 184 -25.47 13.85 -12.84
CA THR A 184 -25.13 15.07 -13.57
C THR A 184 -26.28 15.46 -14.51
N ALA A 185 -27.47 15.56 -13.94
CA ALA A 185 -28.66 16.09 -14.61
C ALA A 185 -29.18 15.21 -15.74
N SER A 186 -28.28 14.66 -16.56
CA SER A 186 -28.72 13.93 -17.75
C SER A 186 -27.96 12.64 -18.01
N THR A 187 -26.76 12.45 -17.48
CA THR A 187 -26.01 11.23 -17.78
C THR A 187 -26.68 10.03 -17.13
N LEU A 188 -26.95 9.01 -17.92
CA LEU A 188 -27.61 7.81 -17.43
C LEU A 188 -26.60 6.93 -16.68
N GLN A 189 -27.05 6.34 -15.58
CA GLN A 189 -26.19 5.45 -14.80
C GLN A 189 -26.04 4.11 -15.50
N SER A 190 -24.85 3.53 -15.39
CA SER A 190 -24.59 2.23 -15.99
C SER A 190 -25.53 1.18 -15.42
N GLY A 191 -26.25 0.49 -16.31
CA GLY A 191 -27.21 -0.52 -15.92
C GLY A 191 -28.65 -0.05 -15.89
N VAL A 192 -28.90 1.24 -16.08
CA VAL A 192 -30.26 1.78 -16.07
C VAL A 192 -30.83 1.65 -17.48
N PRO A 193 -32.07 1.19 -17.62
CA PRO A 193 -32.65 1.05 -18.96
C PRO A 193 -32.72 2.38 -19.70
N SER A 194 -32.68 2.31 -21.03
CA SER A 194 -32.68 3.49 -21.88
C SER A 194 -34.01 4.22 -21.87
N ARG A 195 -35.06 3.62 -21.34
CA ARG A 195 -36.36 4.28 -21.25
C ARG A 195 -36.33 5.46 -20.28
N PHE A 196 -35.39 5.47 -19.35
CA PHE A 196 -35.21 6.61 -18.44
C PHE A 196 -34.43 7.72 -19.14
N SER A 197 -34.88 8.96 -18.98
CA SER A 197 -34.19 10.09 -19.58
C SER A 197 -34.22 11.27 -18.63
N GLY A 198 -33.05 11.81 -18.32
CA GLY A 198 -32.93 13.00 -17.48
C GLY A 198 -32.48 14.18 -18.33
N SER A 199 -33.11 15.33 -18.11
CA SER A 199 -32.79 16.52 -18.89
C SER A 199 -32.95 17.74 -18.01
N GLY A 200 -32.53 18.88 -18.52
CA GLY A 200 -32.65 20.15 -17.83
C GLY A 200 -31.32 20.68 -17.35
N SER A 201 -31.38 21.91 -16.83
CA SER A 201 -30.19 22.60 -16.36
C SER A 201 -30.61 23.75 -15.46
N GLY A 202 -29.62 24.40 -14.86
CA GLY A 202 -29.84 25.58 -14.04
C GLY A 202 -30.68 25.29 -12.82
N THR A 203 -31.96 25.64 -12.88
CA THR A 203 -32.90 25.38 -11.79
C THR A 203 -34.06 24.50 -12.20
N ASP A 204 -34.11 24.03 -13.44
CA ASP A 204 -35.25 23.26 -13.94
C ASP A 204 -34.75 21.96 -14.54
N PHE A 205 -35.25 20.83 -14.01
CA PHE A 205 -34.84 19.52 -14.49
C PHE A 205 -36.09 18.65 -14.62
N THR A 206 -36.05 17.71 -15.56
CA THR A 206 -37.14 16.78 -15.75
C THR A 206 -36.63 15.37 -15.94
N LEU A 207 -37.29 14.41 -15.30
CA LEU A 207 -37.04 12.99 -15.50
C LEU A 207 -38.25 12.38 -16.19
N THR A 208 -38.02 11.79 -17.36
CA THR A 208 -39.08 11.25 -18.20
C THR A 208 -38.88 9.76 -18.38
N ILE A 209 -39.95 9.00 -18.16
CA ILE A 209 -39.99 7.57 -18.45
C ILE A 209 -40.88 7.40 -19.67
N SER A 210 -40.27 6.95 -20.78
CA SER A 210 -40.97 6.86 -22.06
C SER A 210 -42.08 5.81 -22.00
N SER A 211 -41.73 4.57 -21.71
CA SER A 211 -42.70 3.48 -21.61
C SER A 211 -42.59 2.88 -20.22
N LEU A 212 -43.63 3.08 -19.41
CA LEU A 212 -43.65 2.57 -18.06
C LEU A 212 -43.74 1.05 -18.07
N GLN A 213 -43.12 0.44 -17.05
CA GLN A 213 -43.07 -1.01 -16.90
C GLN A 213 -43.64 -1.41 -15.55
N PRO A 214 -44.05 -2.67 -15.39
CA PRO A 214 -44.67 -3.08 -14.11
C PRO A 214 -43.73 -2.94 -12.91
N GLU A 215 -42.43 -3.12 -13.11
CA GLU A 215 -41.47 -2.99 -12.02
C GLU A 215 -41.06 -1.53 -11.79
N ASP A 216 -41.50 -0.62 -12.65
CA ASP A 216 -41.10 0.77 -12.62
C ASP A 216 -41.87 1.62 -11.61
N PHE A 217 -42.91 1.07 -10.98
CA PHE A 217 -43.73 1.82 -10.02
C PHE A 217 -42.97 1.99 -8.70
N ALA A 218 -42.42 3.18 -8.48
CA ALA A 218 -41.64 3.45 -7.29
C ALA A 218 -41.68 4.94 -7.00
N THR A 219 -40.96 5.36 -5.96
CA THR A 219 -40.84 6.77 -5.60
C THR A 219 -39.53 7.31 -6.15
N TYR A 220 -39.58 8.47 -6.79
CA TYR A 220 -38.41 9.04 -7.45
C TYR A 220 -37.99 10.32 -6.75
N TYR A 221 -36.70 10.42 -6.45
CA TYR A 221 -36.14 11.56 -5.74
C TYR A 221 -35.11 12.26 -6.61
N CYS A 222 -35.03 13.57 -6.45
CA CYS A 222 -34.01 14.39 -7.11
C CYS A 222 -33.13 15.03 -6.04
N GLN A 223 -31.83 14.97 -6.28
CA GLN A 223 -30.82 15.48 -5.35
C GLN A 223 -29.92 16.47 -6.09
N GLN A 224 -29.43 17.47 -5.36
CA GLN A 224 -28.46 18.41 -5.89
C GLN A 224 -27.18 18.29 -5.09
N TYR A 225 -26.04 18.49 -5.76
CA TYR A 225 -24.75 18.49 -5.08
C TYR A 225 -23.90 19.69 -5.48
N ARG A 226 -24.51 20.77 -5.95
CA ARG A 226 -23.78 22.01 -6.16
C ARG A 226 -23.38 22.62 -4.83
N GLN A 227 -24.23 22.49 -3.81
CA GLN A 227 -23.97 23.04 -2.49
C GLN A 227 -23.83 21.91 -1.49
N ARG A 228 -22.76 21.97 -0.70
CA ARG A 228 -22.84 21.05 0.43
C ARG A 228 -23.46 21.78 1.62
N PRO A 229 -24.35 21.15 2.38
CA PRO A 229 -24.81 19.76 2.32
C PRO A 229 -25.78 19.49 1.17
N PRO A 230 -25.63 18.34 0.53
CA PRO A 230 -26.54 17.97 -0.56
C PRO A 230 -27.96 17.73 -0.04
N THR A 231 -28.94 18.31 -0.74
CA THR A 231 -30.33 18.21 -0.35
C THR A 231 -31.11 17.41 -1.41
N PHE A 232 -32.18 16.76 -0.96
CA PHE A 232 -33.05 15.97 -1.82
C PHE A 232 -34.40 16.66 -1.97
N GLY A 233 -35.23 16.09 -2.84
CA GLY A 233 -36.62 16.50 -2.93
C GLY A 233 -37.49 15.65 -2.05
N GLN A 234 -38.75 16.05 -1.92
CA GLN A 234 -39.69 15.28 -1.10
C GLN A 234 -40.02 13.94 -1.74
N GLY A 235 -39.83 13.80 -3.04
CA GLY A 235 -40.09 12.55 -3.72
C GLY A 235 -41.35 12.62 -4.55
N THR A 236 -41.40 11.79 -5.58
CA THR A 236 -42.55 11.69 -6.48
C THR A 236 -42.96 10.23 -6.56
N LYS A 237 -44.16 9.93 -6.08
CA LYS A 237 -44.66 8.57 -6.05
C LYS A 237 -45.39 8.25 -7.34
N VAL A 238 -45.10 7.08 -7.91
CA VAL A 238 -45.72 6.61 -9.13
C VAL A 238 -46.49 5.34 -8.77
N GLU A 239 -47.82 5.39 -8.88
CA GLU A 239 -48.68 4.28 -8.50
C GLU A 239 -49.41 3.74 -9.73
N ILE A 240 -50.19 2.69 -9.49
CA ILE A 240 -50.98 2.05 -10.54
C ILE A 240 -52.35 2.75 -10.61
N LYS A 241 -53.09 2.48 -11.67
CA LYS A 241 -54.42 3.07 -11.84
C LYS A 241 -55.52 2.06 -11.52
N GLU B 3 7.66 -39.23 -2.29
CA GLU B 3 7.42 -37.96 -2.97
C GLU B 3 6.46 -37.10 -2.17
N VAL B 4 5.33 -36.73 -2.78
CA VAL B 4 4.36 -35.84 -2.17
C VAL B 4 3.23 -36.68 -1.59
N GLN B 5 2.98 -36.52 -0.30
CA GLN B 5 1.92 -37.22 0.40
C GLN B 5 1.01 -36.21 1.09
N LEU B 6 -0.29 -36.34 0.88
CA LEU B 6 -1.32 -35.52 1.52
C LEU B 6 -2.28 -36.49 2.20
N LEU B 7 -2.02 -36.80 3.47
CA LEU B 7 -2.79 -37.81 4.20
C LEU B 7 -3.96 -37.13 4.90
N GLU B 8 -5.18 -37.52 4.55
CA GLU B 8 -6.37 -36.91 5.11
C GLU B 8 -6.98 -37.80 6.19
N SER B 9 -7.66 -37.15 7.14
CA SER B 9 -8.35 -37.85 8.22
C SER B 9 -9.37 -36.91 8.84
N GLY B 10 -10.19 -37.47 9.71
CA GLY B 10 -11.17 -36.70 10.45
C GLY B 10 -12.59 -36.76 9.92
N GLY B 11 -12.78 -37.33 8.73
CA GLY B 11 -14.10 -37.45 8.16
C GLY B 11 -14.89 -38.62 8.72
N GLY B 12 -16.10 -38.77 8.21
CA GLY B 12 -16.96 -39.86 8.61
C GLY B 12 -18.43 -39.61 8.35
N LEU B 13 -19.28 -40.08 9.25
CA LEU B 13 -20.72 -39.94 9.15
C LEU B 13 -21.22 -39.22 10.39
N VAL B 14 -22.00 -38.16 10.19
CA VAL B 14 -22.51 -37.35 11.29
C VAL B 14 -23.95 -36.95 10.99
N GLN B 15 -24.67 -36.59 12.05
CA GLN B 15 -26.03 -36.09 11.94
C GLN B 15 -26.04 -34.63 11.52
N PRO B 16 -27.11 -34.17 10.87
CA PRO B 16 -27.20 -32.76 10.49
C PRO B 16 -27.06 -31.83 11.70
N GLY B 17 -26.29 -30.76 11.50
CA GLY B 17 -26.00 -29.83 12.57
C GLY B 17 -24.75 -30.13 13.35
N GLY B 18 -24.17 -31.32 13.18
CA GLY B 18 -22.97 -31.70 13.91
C GLY B 18 -21.73 -31.01 13.37
N SER B 19 -20.60 -31.39 13.95
CA SER B 19 -19.32 -30.79 13.61
C SER B 19 -18.29 -31.89 13.35
N LEU B 20 -17.26 -31.51 12.60
CA LEU B 20 -16.16 -32.39 12.25
C LEU B 20 -14.90 -31.55 12.13
N ARG B 21 -13.74 -32.21 12.26
CA ARG B 21 -12.47 -31.55 12.03
C ARG B 21 -11.66 -32.41 11.08
N LEU B 22 -11.41 -31.91 9.88
CA LEU B 22 -10.60 -32.61 8.90
C LEU B 22 -9.15 -32.16 9.02
N SER B 23 -8.24 -33.12 9.00
CA SER B 23 -6.81 -32.84 9.12
C SER B 23 -6.11 -33.48 7.93
N CYS B 24 -5.30 -32.67 7.24
CA CYS B 24 -4.54 -33.12 6.08
C CYS B 24 -3.07 -32.89 6.40
N ALA B 25 -2.35 -33.97 6.69
CA ALA B 25 -0.94 -33.91 7.01
C ALA B 25 -0.14 -34.03 5.72
N ALA B 26 0.64 -33.00 5.41
CA ALA B 26 1.40 -32.94 4.18
C ALA B 26 2.86 -33.30 4.44
N SER B 27 3.49 -33.89 3.42
CA SER B 27 4.89 -34.26 3.52
C SER B 27 5.46 -34.40 2.11
N GLY B 28 6.72 -34.03 1.95
CA GLY B 28 7.38 -34.11 0.67
C GLY B 28 7.61 -32.78 -0.02
N PHE B 29 7.27 -31.67 0.62
CA PHE B 29 7.51 -30.35 0.06
C PHE B 29 7.52 -29.34 1.20
N THR B 30 8.00 -28.13 0.90
CA THR B 30 8.02 -27.06 1.88
C THR B 30 6.59 -26.57 2.09
N PHE B 31 5.95 -27.09 3.14
CA PHE B 31 4.54 -26.82 3.37
C PHE B 31 4.28 -25.33 3.57
N SER B 32 5.15 -24.65 4.31
CA SER B 32 4.94 -23.25 4.65
C SER B 32 5.14 -22.30 3.47
N SER B 33 5.52 -22.80 2.29
CA SER B 33 5.78 -21.92 1.15
C SER B 33 4.61 -21.84 0.17
N TYR B 34 3.68 -22.79 0.20
CA TYR B 34 2.56 -22.81 -0.71
C TYR B 34 1.25 -22.62 0.06
N ALA B 35 0.25 -22.10 -0.63
CA ALA B 35 -1.09 -22.03 -0.09
C ALA B 35 -1.78 -23.39 -0.20
N MET B 36 -2.81 -23.58 0.61
CA MET B 36 -3.52 -24.86 0.67
C MET B 36 -5.02 -24.62 0.54
N SER B 37 -5.72 -25.58 -0.06
CA SER B 37 -7.14 -25.43 -0.31
C SER B 37 -7.87 -26.71 0.04
N TRP B 38 -9.16 -26.56 0.34
CA TRP B 38 -10.08 -27.67 0.50
C TRP B 38 -11.10 -27.60 -0.63
N VAL B 39 -11.29 -28.72 -1.33
CA VAL B 39 -12.21 -28.84 -2.45
C VAL B 39 -13.06 -30.08 -2.23
N ARG B 40 -14.37 -29.92 -2.28
CA ARG B 40 -15.28 -31.03 -2.05
C ARG B 40 -15.97 -31.45 -3.35
N GLN B 41 -16.34 -32.72 -3.42
CA GLN B 41 -17.06 -33.29 -4.54
C GLN B 41 -18.25 -34.05 -4.00
N ALA B 42 -19.46 -33.57 -4.31
CA ALA B 42 -20.65 -34.25 -3.87
C ALA B 42 -20.75 -35.62 -4.54
N PRO B 43 -21.45 -36.57 -3.92
CA PRO B 43 -21.58 -37.90 -4.53
C PRO B 43 -22.22 -37.82 -5.90
N GLY B 44 -21.50 -38.32 -6.90
CA GLY B 44 -22.00 -38.30 -8.27
C GLY B 44 -22.12 -36.93 -8.88
N LYS B 45 -21.39 -35.93 -8.37
CA LYS B 45 -21.44 -34.58 -8.89
C LYS B 45 -20.01 -34.10 -9.17
N GLY B 46 -19.89 -32.85 -9.58
CA GLY B 46 -18.61 -32.26 -9.91
C GLY B 46 -17.89 -31.69 -8.70
N LEU B 47 -16.67 -31.22 -8.95
CA LEU B 47 -15.84 -30.64 -7.91
C LEU B 47 -16.31 -29.22 -7.56
N GLU B 48 -16.09 -28.84 -6.31
CA GLU B 48 -16.49 -27.53 -5.81
C GLU B 48 -15.46 -27.04 -4.80
N TRP B 49 -14.94 -25.83 -5.04
CA TRP B 49 -13.98 -25.24 -4.12
C TRP B 49 -14.66 -24.85 -2.82
N VAL B 50 -14.07 -25.26 -1.70
CA VAL B 50 -14.66 -25.01 -0.39
C VAL B 50 -13.92 -23.88 0.32
N SER B 51 -12.61 -24.01 0.47
CA SER B 51 -11.88 -23.02 1.26
C SER B 51 -10.42 -22.98 0.81
N THR B 52 -9.72 -21.93 1.23
CA THR B 52 -8.30 -21.77 0.94
C THR B 52 -7.66 -20.94 2.04
N ILE B 53 -6.43 -21.32 2.40
CA ILE B 53 -5.60 -20.58 3.36
C ILE B 53 -4.26 -20.31 2.71
N LEU B 54 -3.68 -19.16 3.05
CA LEU B 54 -2.43 -18.70 2.47
C LEU B 54 -1.26 -19.30 3.25
N GLN B 55 -0.05 -18.82 2.99
CA GLN B 55 1.14 -19.50 3.48
C GLN B 55 1.24 -19.44 5.01
N HIS B 56 1.45 -18.24 5.55
CA HIS B 56 1.56 -18.02 6.98
C HIS B 56 0.24 -18.15 7.74
N GLY B 57 -0.88 -18.31 7.06
CA GLY B 57 -2.17 -18.36 7.72
C GLY B 57 -2.80 -17.01 7.86
N GLN B 58 -2.24 -16.02 7.16
CA GLN B 58 -2.70 -14.64 7.21
C GLN B 58 -4.16 -14.51 6.78
N ARG B 59 -4.47 -14.95 5.57
CA ARG B 59 -5.78 -14.74 4.97
C ARG B 59 -6.46 -16.08 4.67
N THR B 60 -7.76 -16.12 4.95
CA THR B 60 -8.59 -17.28 4.67
C THR B 60 -9.70 -16.86 3.71
N LEU B 61 -10.03 -17.75 2.78
CA LEU B 61 -11.11 -17.53 1.83
C LEU B 61 -12.05 -18.71 1.85
N TYR B 62 -13.35 -18.43 1.87
CA TYR B 62 -14.36 -19.49 1.91
C TYR B 62 -15.39 -19.26 0.82
N ALA B 63 -16.03 -20.34 0.40
CA ALA B 63 -17.19 -20.20 -0.46
C ALA B 63 -18.35 -19.67 0.38
N ASP B 64 -19.30 -19.02 -0.30
CA ASP B 64 -20.40 -18.38 0.42
C ASP B 64 -21.28 -19.41 1.12
N SER B 65 -21.37 -20.63 0.57
CA SER B 65 -22.20 -21.66 1.17
C SER B 65 -21.63 -22.18 2.48
N VAL B 66 -20.31 -22.08 2.69
CA VAL B 66 -19.69 -22.60 3.90
C VAL B 66 -19.11 -21.48 4.75
N LYS B 67 -19.34 -20.23 4.39
CA LYS B 67 -18.83 -19.12 5.18
C LYS B 67 -19.60 -19.01 6.49
N GLY B 68 -18.88 -18.78 7.58
CA GLY B 68 -19.48 -18.70 8.91
C GLY B 68 -19.60 -20.05 9.60
N ARG B 69 -19.69 -21.13 8.84
CA ARG B 69 -19.78 -22.48 9.39
C ARG B 69 -18.43 -23.19 9.42
N PHE B 70 -17.59 -22.95 8.42
CA PHE B 70 -16.29 -23.60 8.31
C PHE B 70 -15.18 -22.63 8.73
N THR B 71 -14.10 -23.20 9.25
CA THR B 71 -12.93 -22.43 9.67
C THR B 71 -11.69 -23.21 9.26
N ILE B 72 -10.92 -22.64 8.33
CA ILE B 72 -9.70 -23.29 7.85
C ILE B 72 -8.52 -22.75 8.65
N SER B 73 -7.53 -23.60 8.88
CA SER B 73 -6.34 -23.22 9.64
C SER B 73 -5.19 -24.11 9.21
N ARG B 74 -3.98 -23.71 9.60
CA ARG B 74 -2.80 -24.50 9.28
C ARG B 74 -1.80 -24.44 10.42
N ASP B 75 -1.06 -25.53 10.59
CA ASP B 75 0.01 -25.64 11.57
C ASP B 75 1.28 -25.98 10.79
N ASN B 76 2.10 -24.95 10.53
CA ASN B 76 3.33 -25.14 9.78
C ASN B 76 4.39 -25.90 10.57
N SER B 77 4.29 -25.92 11.90
CA SER B 77 5.24 -26.68 12.68
C SER B 77 5.03 -28.18 12.50
N LYS B 78 3.78 -28.60 12.32
CA LYS B 78 3.45 -30.00 12.05
C LYS B 78 3.17 -30.25 10.57
N ASN B 79 3.16 -29.20 9.75
CA ASN B 79 2.85 -29.30 8.31
C ASN B 79 1.47 -29.92 8.09
N THR B 80 0.46 -29.37 8.77
CA THR B 80 -0.89 -29.91 8.69
C THR B 80 -1.89 -28.81 8.38
N LEU B 81 -2.92 -29.15 7.60
CA LEU B 81 -3.98 -28.22 7.23
C LEU B 81 -5.29 -28.72 7.82
N TYR B 82 -5.94 -27.91 8.64
CA TYR B 82 -7.16 -28.29 9.32
C TYR B 82 -8.35 -27.52 8.75
N LEU B 83 -9.51 -28.16 8.79
CA LEU B 83 -10.77 -27.56 8.38
C LEU B 83 -11.83 -27.97 9.40
N GLN B 84 -12.31 -27.01 10.20
CA GLN B 84 -13.34 -27.24 11.19
C GLN B 84 -14.70 -26.95 10.57
N MET B 85 -15.55 -27.97 10.47
CA MET B 85 -16.86 -27.87 9.87
C MET B 85 -17.92 -27.88 10.97
N ASN B 86 -18.76 -26.85 10.99
CA ASN B 86 -19.81 -26.72 11.99
C ASN B 86 -21.15 -26.53 11.28
N SER B 87 -22.22 -26.90 11.98
CA SER B 87 -23.58 -26.81 11.45
C SER B 87 -23.69 -27.52 10.11
N LEU B 88 -23.17 -28.75 10.05
CA LEU B 88 -23.11 -29.48 8.80
C LEU B 88 -24.51 -29.75 8.26
N ARG B 89 -24.73 -29.37 7.00
CA ARG B 89 -25.99 -29.59 6.32
C ARG B 89 -25.91 -30.83 5.44
N ALA B 90 -27.06 -31.22 4.89
CA ALA B 90 -27.07 -32.33 3.94
C ALA B 90 -26.31 -31.97 2.67
N GLU B 91 -26.29 -30.67 2.31
CA GLU B 91 -25.55 -30.24 1.14
C GLU B 91 -24.05 -30.41 1.34
N ASP B 92 -23.58 -30.37 2.59
CA ASP B 92 -22.16 -30.54 2.86
C ASP B 92 -21.69 -31.97 2.68
N THR B 93 -22.61 -32.93 2.49
CA THR B 93 -22.21 -34.31 2.29
C THR B 93 -21.43 -34.44 0.98
N ALA B 94 -20.17 -34.88 1.09
CA ALA B 94 -19.28 -34.96 -0.06
C ALA B 94 -17.96 -35.63 0.30
N VAL B 95 -17.09 -35.82 -0.69
CA VAL B 95 -15.72 -36.26 -0.46
C VAL B 95 -14.85 -35.01 -0.46
N TYR B 96 -14.10 -34.79 0.61
CA TYR B 96 -13.31 -33.59 0.78
C TYR B 96 -11.85 -33.90 0.51
N TYR B 97 -11.27 -33.18 -0.44
CA TYR B 97 -9.86 -33.30 -0.81
C TYR B 97 -9.10 -32.07 -0.32
N CYS B 98 -7.90 -32.29 0.19
CA CYS B 98 -6.97 -31.19 0.45
C CYS B 98 -6.04 -31.09 -0.75
N ALA B 99 -5.93 -29.90 -1.30
CA ALA B 99 -5.17 -29.66 -2.52
C ALA B 99 -4.11 -28.61 -2.28
N LYS B 100 -2.99 -28.76 -2.97
CA LYS B 100 -1.90 -27.80 -2.89
C LYS B 100 -2.21 -26.60 -3.76
N ASN B 101 -1.68 -25.44 -3.35
CA ASN B 101 -1.84 -24.17 -4.05
C ASN B 101 -3.28 -23.67 -3.96
N ARG B 102 -3.54 -22.48 -4.48
CA ARG B 102 -4.85 -21.85 -4.38
C ARG B 102 -5.62 -21.82 -5.69
N ALA B 103 -4.95 -21.68 -6.82
CA ALA B 103 -5.58 -21.61 -8.13
C ALA B 103 -5.33 -22.84 -8.98
N VAL B 104 -4.12 -23.38 -8.95
CA VAL B 104 -3.75 -24.54 -9.75
C VAL B 104 -3.41 -25.66 -8.78
N PHE B 105 -4.34 -26.59 -8.60
CA PHE B 105 -4.20 -27.68 -7.63
C PHE B 105 -3.42 -28.82 -8.29
N ASP B 106 -2.10 -28.81 -8.09
CA ASP B 106 -1.25 -29.81 -8.73
C ASP B 106 -1.32 -31.14 -8.01
N TYR B 107 -1.31 -31.13 -6.68
CA TYR B 107 -1.35 -32.35 -5.88
C TYR B 107 -2.57 -32.34 -4.98
N TRP B 108 -3.30 -33.44 -4.96
CA TRP B 108 -4.52 -33.58 -4.18
C TRP B 108 -4.35 -34.70 -3.17
N GLY B 109 -5.08 -34.60 -2.07
CA GLY B 109 -5.21 -35.73 -1.19
C GLY B 109 -6.23 -36.70 -1.72
N GLN B 110 -6.18 -37.94 -1.23
CA GLN B 110 -7.12 -38.93 -1.74
C GLN B 110 -8.55 -38.65 -1.32
N GLY B 111 -8.77 -37.78 -0.34
CA GLY B 111 -10.13 -37.43 0.02
C GLY B 111 -10.66 -38.25 1.18
N THR B 112 -11.50 -37.59 1.99
CA THR B 112 -12.19 -38.25 3.10
C THR B 112 -13.68 -37.97 2.96
N LEU B 113 -14.49 -39.01 3.19
CA LEU B 113 -15.93 -38.90 2.98
C LEU B 113 -16.61 -38.31 4.21
N VAL B 114 -17.50 -37.36 3.98
CA VAL B 114 -18.31 -36.76 5.03
C VAL B 114 -19.77 -36.90 4.63
N THR B 115 -20.52 -37.67 5.41
CA THR B 115 -21.93 -37.92 5.13
C THR B 115 -22.78 -37.30 6.24
N VAL B 116 -23.80 -36.55 5.83
CA VAL B 116 -24.71 -35.89 6.75
C VAL B 116 -26.11 -36.43 6.47
N SER B 117 -26.67 -37.15 7.45
CA SER B 117 -28.01 -37.72 7.29
C SER B 117 -28.56 -38.04 8.67
N SER B 118 -29.86 -38.33 8.70
CA SER B 118 -30.55 -38.64 9.94
C SER B 118 -31.41 -39.90 9.78
N THR B 134 -22.60 -12.54 -9.68
CA THR B 134 -22.47 -13.95 -9.33
C THR B 134 -21.13 -14.49 -9.81
N ASP B 135 -20.88 -15.76 -9.57
CA ASP B 135 -19.61 -16.39 -9.91
C ASP B 135 -19.56 -16.68 -11.42
N ILE B 136 -18.50 -17.38 -11.85
CA ILE B 136 -18.31 -17.74 -13.25
C ILE B 136 -18.77 -19.17 -13.43
N GLN B 137 -19.60 -19.41 -14.43
CA GLN B 137 -20.17 -20.73 -14.65
C GLN B 137 -19.40 -21.44 -15.76
N MET B 138 -19.08 -22.71 -15.52
CA MET B 138 -18.33 -23.52 -16.46
C MET B 138 -19.24 -24.65 -16.94
N THR B 139 -19.40 -24.76 -18.26
CA THR B 139 -20.24 -25.79 -18.86
C THR B 139 -19.39 -26.66 -19.77
N GLN B 140 -19.49 -27.97 -19.59
CA GLN B 140 -18.74 -28.93 -20.39
C GLN B 140 -19.65 -29.64 -21.37
N SER B 141 -19.08 -30.03 -22.51
CA SER B 141 -19.82 -30.72 -23.55
C SER B 141 -18.94 -31.79 -24.18
N PRO B 142 -19.39 -33.05 -24.19
CA PRO B 142 -20.64 -33.56 -23.63
C PRO B 142 -20.48 -33.91 -22.15
N SER B 143 -21.56 -34.28 -21.46
CA SER B 143 -21.43 -34.74 -20.08
C SER B 143 -20.86 -36.15 -20.01
N SER B 144 -21.08 -36.95 -21.04
CA SER B 144 -20.51 -38.30 -21.10
C SER B 144 -20.40 -38.71 -22.57
N LEU B 145 -19.48 -39.62 -22.84
CA LEU B 145 -19.31 -40.13 -24.19
C LEU B 145 -18.71 -41.53 -24.13
N SER B 146 -19.06 -42.34 -25.13
CA SER B 146 -18.54 -43.70 -25.27
C SER B 146 -17.77 -43.79 -26.58
N ALA B 147 -16.48 -44.09 -26.48
CA ALA B 147 -15.60 -44.20 -27.64
C ALA B 147 -14.76 -45.47 -27.52
N SER B 148 -14.14 -45.84 -28.63
CA SER B 148 -13.29 -47.02 -28.68
C SER B 148 -11.83 -46.62 -28.55
N VAL B 149 -10.97 -47.62 -28.35
CA VAL B 149 -9.55 -47.38 -28.19
C VAL B 149 -8.98 -46.85 -29.50
N GLY B 150 -8.15 -45.81 -29.41
CA GLY B 150 -7.56 -45.20 -30.58
C GLY B 150 -8.38 -44.10 -31.21
N ASP B 151 -9.59 -43.85 -30.72
CA ASP B 151 -10.45 -42.83 -31.29
C ASP B 151 -9.94 -41.44 -30.91
N ARG B 152 -10.54 -40.44 -31.56
CA ARG B 152 -10.24 -39.03 -31.32
C ARG B 152 -11.36 -38.44 -30.47
N VAL B 153 -11.02 -38.00 -29.26
CA VAL B 153 -12.01 -37.49 -28.31
C VAL B 153 -11.82 -36.00 -28.17
N THR B 154 -12.93 -35.25 -28.16
CA THR B 154 -12.90 -33.80 -28.03
C THR B 154 -13.95 -33.38 -27.01
N ILE B 155 -13.52 -32.68 -25.97
CA ILE B 155 -14.44 -32.15 -24.96
C ILE B 155 -14.27 -30.63 -24.89
N THR B 156 -15.38 -29.91 -24.84
CA THR B 156 -15.37 -28.46 -24.87
C THR B 156 -15.79 -27.89 -23.51
N CYS B 157 -15.00 -26.95 -23.00
CA CYS B 157 -15.28 -26.23 -21.76
C CYS B 157 -15.56 -24.77 -22.11
N ARG B 158 -16.76 -24.31 -21.74
CA ARG B 158 -17.20 -22.95 -22.02
C ARG B 158 -17.38 -22.18 -20.73
N ALA B 159 -16.88 -20.95 -20.71
CA ALA B 159 -16.97 -20.07 -19.55
C ALA B 159 -18.04 -19.02 -19.76
N SER B 160 -18.73 -18.65 -18.68
CA SER B 160 -19.80 -17.66 -18.79
C SER B 160 -19.24 -16.28 -19.16
N GLN B 161 -17.98 -16.01 -18.83
CA GLN B 161 -17.33 -14.77 -19.21
C GLN B 161 -15.87 -15.07 -19.55
N SER B 162 -15.19 -14.06 -20.09
CA SER B 162 -13.81 -14.25 -20.52
C SER B 162 -12.90 -14.55 -19.33
N ILE B 163 -12.18 -15.67 -19.42
CA ILE B 163 -11.23 -16.07 -18.40
C ILE B 163 -9.80 -16.06 -18.92
N SER B 164 -9.56 -15.45 -20.08
CA SER B 164 -8.24 -15.34 -20.71
C SER B 164 -7.71 -16.75 -20.91
N SER B 165 -6.51 -17.08 -20.43
CA SER B 165 -5.94 -18.42 -20.56
C SER B 165 -5.78 -19.09 -19.19
N TYR B 166 -6.68 -18.78 -18.27
CA TYR B 166 -6.61 -19.32 -16.91
C TYR B 166 -7.58 -20.50 -16.79
N LEU B 167 -7.18 -21.61 -17.38
CA LEU B 167 -7.97 -22.83 -17.40
C LEU B 167 -7.10 -24.03 -17.05
N ASN B 168 -7.66 -24.94 -16.26
CA ASN B 168 -7.00 -26.17 -15.88
C ASN B 168 -7.87 -27.37 -16.24
N TRP B 169 -7.20 -28.45 -16.64
CA TRP B 169 -7.83 -29.71 -16.97
C TRP B 169 -7.35 -30.76 -15.98
N TYR B 170 -8.31 -31.45 -15.35
CA TYR B 170 -8.04 -32.47 -14.35
C TYR B 170 -8.63 -33.79 -14.80
N GLN B 171 -7.93 -34.88 -14.50
CA GLN B 171 -8.36 -36.23 -14.81
C GLN B 171 -8.61 -36.98 -13.51
N GLN B 172 -9.83 -37.50 -13.34
CA GLN B 172 -10.23 -38.25 -12.16
C GLN B 172 -10.64 -39.64 -12.60
N LYS B 173 -9.81 -40.63 -12.28
CA LYS B 173 -10.18 -42.01 -12.49
C LYS B 173 -11.28 -42.38 -11.50
N PRO B 174 -12.05 -43.44 -11.79
CA PRO B 174 -13.15 -43.82 -10.89
C PRO B 174 -12.66 -44.08 -9.48
N GLY B 175 -13.26 -43.36 -8.52
CA GLY B 175 -12.96 -43.54 -7.11
C GLY B 175 -11.62 -42.99 -6.64
N LYS B 176 -10.87 -42.32 -7.49
CA LYS B 176 -9.56 -41.78 -7.12
C LYS B 176 -9.61 -40.26 -7.05
N ALA B 177 -8.48 -39.67 -6.65
CA ALA B 177 -8.35 -38.23 -6.54
C ALA B 177 -8.13 -37.60 -7.90
N PRO B 178 -8.58 -36.36 -8.10
CA PRO B 178 -8.32 -35.68 -9.38
C PRO B 178 -6.84 -35.45 -9.57
N LYS B 179 -6.39 -35.60 -10.82
CA LYS B 179 -5.01 -35.39 -11.20
C LYS B 179 -4.92 -34.25 -12.20
N LEU B 180 -3.92 -33.39 -12.03
CA LEU B 180 -3.75 -32.23 -12.90
C LEU B 180 -3.20 -32.66 -14.25
N LEU B 181 -3.92 -32.33 -15.32
CA LEU B 181 -3.51 -32.61 -16.69
C LEU B 181 -2.94 -31.37 -17.37
N ILE B 182 -3.73 -30.30 -17.44
CA ILE B 182 -3.33 -29.09 -18.15
C ILE B 182 -3.48 -27.89 -17.24
N TYR B 183 -2.56 -26.94 -17.34
CA TYR B 183 -2.68 -25.65 -16.68
C TYR B 183 -2.39 -24.54 -17.67
N THR B 184 -2.85 -23.34 -17.34
CA THR B 184 -2.81 -22.18 -18.25
C THR B 184 -3.36 -22.55 -19.62
N ALA B 185 -4.56 -23.14 -19.61
CA ALA B 185 -5.34 -23.41 -20.82
C ALA B 185 -4.71 -24.47 -21.72
N SER B 186 -3.39 -24.44 -21.89
CA SER B 186 -2.76 -25.29 -22.90
C SER B 186 -1.48 -26.00 -22.45
N THR B 187 -0.79 -25.53 -21.41
CA THR B 187 0.48 -26.13 -21.02
C THR B 187 0.28 -27.53 -20.45
N LEU B 188 1.00 -28.49 -20.99
CA LEU B 188 0.92 -29.88 -20.54
C LEU B 188 1.70 -30.06 -19.25
N GLN B 189 1.12 -30.83 -18.34
CA GLN B 189 1.78 -31.13 -17.07
C GLN B 189 2.84 -32.21 -17.25
N SER B 190 3.94 -32.08 -16.51
CA SER B 190 5.01 -33.08 -16.56
C SER B 190 4.49 -34.44 -16.12
N GLY B 191 4.72 -35.45 -16.95
CA GLY B 191 4.26 -36.80 -16.68
C GLY B 191 2.99 -37.19 -17.40
N VAL B 192 2.34 -36.25 -18.07
CA VAL B 192 1.10 -36.52 -18.80
C VAL B 192 1.49 -36.93 -20.23
N PRO B 193 0.89 -37.98 -20.78
CA PRO B 193 1.23 -38.36 -22.16
C PRO B 193 0.93 -37.25 -23.14
N SER B 194 1.68 -37.24 -24.25
CA SER B 194 1.57 -36.19 -25.25
C SER B 194 0.29 -36.27 -26.07
N ARG B 195 -0.46 -37.36 -25.97
CA ARG B 195 -1.70 -37.48 -26.72
C ARG B 195 -2.77 -36.49 -26.25
N PHE B 196 -2.66 -35.99 -25.02
CA PHE B 196 -3.57 -34.96 -24.54
C PHE B 196 -3.11 -33.59 -25.03
N SER B 197 -4.06 -32.79 -25.50
CA SER B 197 -3.76 -31.45 -26.00
C SER B 197 -4.87 -30.49 -25.60
N GLY B 198 -4.50 -29.41 -24.93
CA GLY B 198 -5.44 -28.38 -24.52
C GLY B 198 -5.26 -27.12 -25.36
N SER B 199 -6.38 -26.55 -25.78
CA SER B 199 -6.35 -25.35 -26.62
C SER B 199 -7.56 -24.49 -26.28
N GLY B 200 -7.58 -23.29 -26.84
CA GLY B 200 -8.68 -22.36 -26.65
C GLY B 200 -8.28 -21.17 -25.81
N SER B 201 -9.21 -20.22 -25.73
CA SER B 201 -8.99 -19.00 -24.97
C SER B 201 -10.33 -18.32 -24.72
N GLY B 202 -10.28 -17.24 -23.96
CA GLY B 202 -11.44 -16.41 -23.72
C GLY B 202 -12.55 -17.14 -22.99
N THR B 203 -13.57 -17.58 -23.74
CA THR B 203 -14.68 -18.33 -23.18
C THR B 203 -14.84 -19.71 -23.81
N ASP B 204 -13.96 -20.10 -24.74
CA ASP B 204 -14.11 -21.37 -25.45
C ASP B 204 -12.80 -22.14 -25.37
N PHE B 205 -12.85 -23.35 -24.82
CA PHE B 205 -11.67 -24.18 -24.67
C PHE B 205 -11.99 -25.60 -25.10
N THR B 206 -10.98 -26.32 -25.59
CA THR B 206 -11.14 -27.71 -25.99
C THR B 206 -9.98 -28.56 -25.48
N LEU B 207 -10.30 -29.74 -24.97
CA LEU B 207 -9.33 -30.75 -24.59
C LEU B 207 -9.51 -31.93 -25.55
N THR B 208 -8.43 -32.28 -26.25
CA THR B 208 -8.45 -33.30 -27.29
C THR B 208 -7.52 -34.45 -26.92
N ILE B 209 -8.04 -35.67 -27.03
CA ILE B 209 -7.25 -36.89 -26.92
C ILE B 209 -7.11 -37.45 -28.33
N SER B 210 -5.87 -37.44 -28.84
CA SER B 210 -5.63 -37.85 -30.22
C SER B 210 -5.93 -39.34 -30.42
N SER B 211 -5.23 -40.20 -29.68
CA SER B 211 -5.43 -41.64 -29.74
C SER B 211 -5.82 -42.12 -28.35
N LEU B 212 -7.07 -42.56 -28.20
CA LEU B 212 -7.56 -43.00 -26.91
C LEU B 212 -6.85 -44.28 -26.47
N GLN B 213 -6.68 -44.41 -25.16
CA GLN B 213 -6.03 -45.54 -24.54
C GLN B 213 -6.94 -46.17 -23.49
N PRO B 214 -6.69 -47.43 -23.12
CA PRO B 214 -7.57 -48.07 -22.12
C PRO B 214 -7.56 -47.38 -20.76
N GLU B 215 -6.46 -46.74 -20.40
CA GLU B 215 -6.39 -46.04 -19.12
C GLU B 215 -6.97 -44.63 -19.18
N ASP B 216 -7.32 -44.14 -20.37
CA ASP B 216 -7.84 -42.77 -20.50
C ASP B 216 -9.31 -42.66 -20.15
N PHE B 217 -10.00 -43.77 -19.90
CA PHE B 217 -11.42 -43.75 -19.57
C PHE B 217 -11.58 -43.24 -18.14
N ALA B 218 -11.92 -41.97 -17.99
CA ALA B 218 -12.06 -41.34 -16.69
C ALA B 218 -12.98 -40.13 -16.84
N THR B 219 -13.16 -39.40 -15.75
CA THR B 219 -13.95 -38.17 -15.77
C THR B 219 -13.00 -36.98 -15.84
N TYR B 220 -13.29 -36.04 -16.73
CA TYR B 220 -12.42 -34.90 -16.96
C TYR B 220 -13.11 -33.62 -16.54
N TYR B 221 -12.41 -32.80 -15.76
CA TYR B 221 -12.95 -31.56 -15.21
C TYR B 221 -12.13 -30.38 -15.71
N CYS B 222 -12.81 -29.26 -15.92
CA CYS B 222 -12.17 -28.00 -16.28
C CYS B 222 -12.45 -26.97 -15.21
N GLN B 223 -11.42 -26.25 -14.79
CA GLN B 223 -11.54 -25.23 -13.76
C GLN B 223 -10.98 -23.91 -14.29
N GLN B 224 -11.53 -22.81 -13.80
CA GLN B 224 -11.03 -21.50 -14.14
C GLN B 224 -10.52 -20.82 -12.88
N TYR B 225 -9.47 -20.00 -13.05
CA TYR B 225 -8.93 -19.24 -11.93
C TYR B 225 -8.73 -17.77 -12.28
N ARG B 226 -9.48 -17.25 -13.25
CA ARG B 226 -9.46 -15.82 -13.53
C ARG B 226 -10.11 -15.03 -12.40
N GLN B 227 -11.24 -15.52 -11.89
CA GLN B 227 -11.97 -14.88 -10.81
C GLN B 227 -12.12 -15.84 -9.64
N ARG B 228 -11.93 -15.31 -8.43
CA ARG B 228 -12.31 -16.14 -7.29
C ARG B 228 -13.79 -15.94 -6.97
N PRO B 229 -14.52 -16.99 -6.59
CA PRO B 229 -14.07 -18.37 -6.33
C PRO B 229 -13.82 -19.17 -7.60
N PRO B 230 -12.76 -19.97 -7.63
CA PRO B 230 -12.52 -20.83 -8.81
C PRO B 230 -13.60 -21.89 -8.92
N THR B 231 -14.19 -22.01 -10.11
CA THR B 231 -15.27 -22.94 -10.35
C THR B 231 -14.84 -24.03 -11.31
N PHE B 232 -15.47 -25.19 -11.18
CA PHE B 232 -15.21 -26.35 -12.03
C PHE B 232 -16.38 -26.58 -12.97
N GLY B 233 -16.20 -27.54 -13.87
CA GLY B 233 -17.30 -27.99 -14.70
C GLY B 233 -18.01 -29.18 -14.09
N GLN B 234 -19.14 -29.55 -14.70
CA GLN B 234 -19.91 -30.68 -14.19
C GLN B 234 -19.18 -32.01 -14.42
N GLY B 235 -18.25 -32.05 -15.35
CA GLY B 235 -17.47 -33.25 -15.61
C GLY B 235 -17.91 -33.96 -16.87
N THR B 236 -16.98 -34.67 -17.48
CA THR B 236 -17.23 -35.43 -18.70
C THR B 236 -16.74 -36.86 -18.50
N LYS B 237 -17.66 -37.82 -18.52
CA LYS B 237 -17.31 -39.22 -18.32
C LYS B 237 -16.98 -39.86 -19.66
N VAL B 238 -15.89 -40.62 -19.70
CA VAL B 238 -15.43 -41.29 -20.92
C VAL B 238 -15.52 -42.80 -20.68
N GLU B 239 -16.36 -43.46 -21.46
CA GLU B 239 -16.61 -44.89 -21.34
C GLU B 239 -16.14 -45.61 -22.60
N ILE B 240 -16.27 -46.94 -22.58
CA ILE B 240 -15.86 -47.76 -23.71
C ILE B 240 -17.02 -47.93 -24.70
N GLU C 3 8.44 16.43 1.63
CA GLU C 3 8.43 15.09 1.06
C GLU C 3 7.44 15.02 -0.10
N VAL C 4 6.35 15.76 0.02
CA VAL C 4 5.37 15.87 -1.06
C VAL C 4 5.90 16.86 -2.09
N GLN C 5 5.81 16.48 -3.36
CA GLN C 5 6.34 17.29 -4.45
C GLN C 5 5.40 17.21 -5.64
N LEU C 6 5.17 18.37 -6.26
CA LEU C 6 4.32 18.50 -7.44
C LEU C 6 5.13 19.27 -8.49
N LEU C 7 5.78 18.55 -9.39
CA LEU C 7 6.67 19.16 -10.37
C LEU C 7 5.88 19.47 -11.62
N GLU C 8 5.82 20.75 -12.00
CA GLU C 8 5.07 21.18 -13.17
C GLU C 8 5.97 21.41 -14.36
N SER C 9 5.39 21.20 -15.54
CA SER C 9 6.11 21.44 -16.79
C SER C 9 5.09 21.54 -17.91
N GLY C 10 5.56 21.94 -19.09
CA GLY C 10 4.72 22.01 -20.27
C GLY C 10 4.22 23.39 -20.61
N GLY C 11 4.38 24.36 -19.72
CA GLY C 11 3.94 25.71 -19.99
C GLY C 11 4.95 26.47 -20.84
N GLY C 12 4.61 27.72 -21.13
CA GLY C 12 5.49 28.56 -21.90
C GLY C 12 4.80 29.72 -22.59
N LEU C 13 5.22 30.00 -23.83
CA LEU C 13 4.73 31.13 -24.60
C LEU C 13 4.21 30.63 -25.94
N VAL C 14 2.97 30.99 -26.28
CA VAL C 14 2.35 30.55 -27.52
C VAL C 14 1.53 31.70 -28.11
N GLN C 15 1.29 31.60 -29.41
CA GLN C 15 0.44 32.56 -30.10
C GLN C 15 -1.03 32.19 -29.88
N PRO C 16 -1.94 33.17 -29.98
CA PRO C 16 -3.37 32.87 -29.81
C PRO C 16 -3.87 31.81 -30.77
N GLY C 17 -4.69 30.90 -30.24
CA GLY C 17 -5.20 29.78 -31.00
C GLY C 17 -4.40 28.50 -30.87
N GLY C 18 -3.19 28.57 -30.34
CA GLY C 18 -2.35 27.41 -30.19
C GLY C 18 -2.80 26.48 -29.09
N SER C 19 -2.00 25.45 -28.87
CA SER C 19 -2.31 24.42 -27.88
C SER C 19 -1.07 24.17 -27.01
N LEU C 20 -1.33 23.64 -25.82
CA LEU C 20 -0.28 23.30 -24.86
C LEU C 20 -0.75 22.09 -24.07
N ARG C 21 0.21 21.37 -23.49
CA ARG C 21 -0.11 20.28 -22.57
C ARG C 21 0.74 20.44 -21.31
N LEU C 22 0.08 20.72 -20.19
CA LEU C 22 0.74 20.89 -18.91
C LEU C 22 0.74 19.56 -18.17
N SER C 23 1.89 19.21 -17.58
CA SER C 23 2.05 17.96 -16.86
C SER C 23 2.55 18.24 -15.45
N CYS C 24 1.89 17.66 -14.46
CA CYS C 24 2.23 17.79 -13.06
C CYS C 24 2.54 16.40 -12.52
N ALA C 25 3.82 16.13 -12.31
CA ALA C 25 4.28 14.84 -11.80
C ALA C 25 4.30 14.92 -10.27
N ALA C 26 3.52 14.08 -9.63
CA ALA C 26 3.38 14.08 -8.18
C ALA C 26 4.21 12.97 -7.56
N SER C 27 4.66 13.22 -6.34
CA SER C 27 5.43 12.22 -5.60
C SER C 27 5.34 12.53 -4.12
N GLY C 28 5.31 11.48 -3.30
CA GLY C 28 5.23 11.65 -1.87
C GLY C 28 3.87 11.37 -1.25
N PHE C 29 2.91 10.92 -2.03
CA PHE C 29 1.59 10.59 -1.51
C PHE C 29 0.91 9.64 -2.47
N THR C 30 -0.17 9.03 -2.00
CA THR C 30 -0.95 8.11 -2.82
C THR C 30 -1.71 8.91 -3.87
N PHE C 31 -1.13 9.02 -5.06
CA PHE C 31 -1.71 9.88 -6.10
C PHE C 31 -3.09 9.42 -6.52
N SER C 32 -3.29 8.10 -6.67
CA SER C 32 -4.56 7.57 -7.14
C SER C 32 -5.67 7.67 -6.12
N SER C 33 -5.37 8.13 -4.91
CA SER C 33 -6.36 8.25 -3.84
C SER C 33 -6.87 9.67 -3.65
N TYR C 34 -6.22 10.67 -4.22
CA TYR C 34 -6.62 12.06 -4.07
C TYR C 34 -7.11 12.61 -5.40
N ALA C 35 -8.01 13.60 -5.32
CA ALA C 35 -8.39 14.35 -6.50
C ALA C 35 -7.31 15.40 -6.80
N MET C 36 -7.26 15.83 -8.05
CA MET C 36 -6.23 16.79 -8.45
C MET C 36 -6.85 17.95 -9.21
N SER C 37 -6.29 19.14 -9.03
CA SER C 37 -6.87 20.33 -9.63
C SER C 37 -5.81 21.19 -10.28
N TRP C 38 -6.25 21.97 -11.28
CA TRP C 38 -5.46 23.02 -11.88
C TRP C 38 -6.14 24.34 -11.56
N VAL C 39 -5.37 25.29 -11.03
CA VAL C 39 -5.85 26.61 -10.64
C VAL C 39 -4.90 27.65 -11.23
N ARG C 40 -5.43 28.60 -11.98
CA ARG C 40 -4.60 29.61 -12.61
C ARG C 40 -4.83 30.99 -11.98
N GLN C 41 -3.80 31.82 -12.02
CA GLN C 41 -3.90 33.21 -11.58
C GLN C 41 -3.30 34.09 -12.66
N ALA C 42 -4.13 34.95 -13.24
CA ALA C 42 -3.66 35.89 -14.24
C ALA C 42 -2.70 36.89 -13.59
N PRO C 43 -1.80 37.48 -14.38
CA PRO C 43 -0.87 38.45 -13.82
C PRO C 43 -1.61 39.63 -13.19
N GLY C 44 -1.31 39.88 -11.92
CA GLY C 44 -1.96 40.96 -11.20
C GLY C 44 -3.43 40.76 -10.92
N LYS C 45 -3.90 39.51 -10.92
CA LYS C 45 -5.29 39.18 -10.63
C LYS C 45 -5.33 38.14 -9.51
N GLY C 46 -6.54 37.70 -9.19
CA GLY C 46 -6.73 36.69 -8.16
C GLY C 46 -6.65 35.29 -8.71
N LEU C 47 -6.72 34.31 -7.81
CA LEU C 47 -6.69 32.92 -8.19
C LEU C 47 -8.02 32.50 -8.80
N GLU C 48 -7.97 31.52 -9.70
CA GLU C 48 -9.15 31.06 -10.41
C GLU C 48 -9.06 29.57 -10.61
N TRP C 49 -10.07 28.84 -10.14
CA TRP C 49 -10.09 27.39 -10.33
C TRP C 49 -10.35 27.10 -11.80
N VAL C 50 -9.51 26.24 -12.38
CA VAL C 50 -9.60 25.92 -13.81
C VAL C 50 -10.27 24.57 -13.98
N SER C 51 -9.71 23.55 -13.35
CA SER C 51 -10.27 22.21 -13.57
C SER C 51 -9.96 21.33 -12.37
N THR C 52 -10.67 20.22 -12.30
CA THR C 52 -10.45 19.25 -11.23
C THR C 52 -10.85 17.88 -11.74
N ILE C 53 -10.12 16.86 -11.32
CA ILE C 53 -10.43 15.47 -11.66
C ILE C 53 -10.52 14.68 -10.37
N LEU C 54 -11.50 13.79 -10.32
CA LEU C 54 -11.78 12.99 -9.14
C LEU C 54 -10.98 11.68 -9.17
N GLN C 55 -10.73 11.13 -7.98
CA GLN C 55 -9.84 9.98 -7.87
C GLN C 55 -10.47 8.63 -8.24
N HIS C 56 -11.42 8.10 -7.47
CA HIS C 56 -11.94 6.77 -7.77
C HIS C 56 -12.71 6.77 -9.06
N GLY C 57 -13.52 7.80 -9.28
CA GLY C 57 -14.18 7.94 -10.56
C GLY C 57 -13.27 8.61 -11.55
N GLN C 58 -13.61 8.45 -12.83
CA GLN C 58 -12.81 9.04 -13.91
C GLN C 58 -13.38 10.37 -14.37
N ARG C 59 -14.52 10.78 -13.82
CA ARG C 59 -15.22 11.99 -14.23
C ARG C 59 -14.40 13.25 -13.91
N THR C 60 -14.48 14.22 -14.82
CA THR C 60 -13.76 15.49 -14.73
C THR C 60 -14.73 16.66 -14.65
N LEU C 61 -14.31 17.72 -13.96
CA LEU C 61 -15.08 18.94 -13.83
C LEU C 61 -14.24 20.13 -14.31
N TYR C 62 -14.86 21.02 -15.08
CA TYR C 62 -14.18 22.16 -15.67
C TYR C 62 -14.90 23.45 -15.33
N ALA C 63 -14.13 24.54 -15.32
CA ALA C 63 -14.73 25.87 -15.24
C ALA C 63 -15.35 26.25 -16.58
N ASP C 64 -16.35 27.14 -16.52
CA ASP C 64 -17.06 27.52 -17.73
C ASP C 64 -16.17 28.29 -18.69
N SER C 65 -15.16 29.00 -18.19
CA SER C 65 -14.29 29.78 -19.06
C SER C 65 -13.38 28.89 -19.90
N VAL C 66 -13.07 27.68 -19.42
CA VAL C 66 -12.20 26.77 -20.14
C VAL C 66 -12.92 25.50 -20.58
N LYS C 67 -14.23 25.43 -20.35
CA LYS C 67 -14.96 24.22 -20.71
C LYS C 67 -15.07 24.10 -22.23
N GLY C 68 -14.85 22.89 -22.73
CA GLY C 68 -14.85 22.61 -24.14
C GLY C 68 -13.49 22.79 -24.80
N ARG C 69 -12.65 23.66 -24.23
CA ARG C 69 -11.31 23.89 -24.76
C ARG C 69 -10.23 23.13 -24.01
N PHE C 70 -10.39 22.95 -22.70
CA PHE C 70 -9.40 22.26 -21.88
C PHE C 70 -9.87 20.85 -21.57
N THR C 71 -8.90 19.94 -21.43
CA THR C 71 -9.18 18.54 -21.12
C THR C 71 -8.18 18.07 -20.07
N ILE C 72 -8.68 17.74 -18.88
CA ILE C 72 -7.83 17.27 -17.79
C ILE C 72 -7.87 15.75 -17.76
N SER C 73 -6.75 15.14 -17.40
CA SER C 73 -6.64 13.69 -17.33
C SER C 73 -5.55 13.34 -16.33
N ARG C 74 -5.47 12.06 -15.99
CA ARG C 74 -4.45 11.60 -15.06
C ARG C 74 -3.95 10.23 -15.48
N ASP C 75 -2.67 9.98 -15.20
CA ASP C 75 -2.02 8.69 -15.41
C ASP C 75 -1.48 8.24 -14.06
N ASN C 76 -2.22 7.34 -13.42
CA ASN C 76 -1.85 6.84 -12.10
C ASN C 76 -0.61 5.95 -12.13
N SER C 77 -0.30 5.35 -13.28
CA SER C 77 0.90 4.54 -13.37
C SER C 77 2.16 5.40 -13.31
N LYS C 78 2.10 6.61 -13.88
CA LYS C 78 3.20 7.55 -13.84
C LYS C 78 3.03 8.61 -12.76
N ASN C 79 1.89 8.60 -12.07
CA ASN C 79 1.58 9.60 -11.04
C ASN C 79 1.64 11.01 -11.62
N THR C 80 0.96 11.21 -12.75
CA THR C 80 1.03 12.49 -13.43
C THR C 80 -0.38 12.99 -13.76
N LEU C 81 -0.55 14.31 -13.67
CA LEU C 81 -1.82 14.96 -13.97
C LEU C 81 -1.61 15.86 -15.18
N TYR C 82 -2.38 15.63 -16.24
CA TYR C 82 -2.23 16.36 -17.49
C TYR C 82 -3.40 17.31 -17.69
N LEU C 83 -3.12 18.43 -18.36
CA LEU C 83 -4.13 19.41 -18.75
C LEU C 83 -3.81 19.86 -20.16
N GLN C 84 -4.64 19.47 -21.12
CA GLN C 84 -4.47 19.87 -22.52
C GLN C 84 -5.30 21.12 -22.78
N MET C 85 -4.64 22.21 -23.14
CA MET C 85 -5.27 23.48 -23.41
C MET C 85 -5.28 23.69 -24.92
N ASN C 86 -6.47 23.86 -25.49
CA ASN C 86 -6.64 24.03 -26.92
C ASN C 86 -7.40 25.32 -27.19
N SER C 87 -7.18 25.86 -28.40
CA SER C 87 -7.79 27.13 -28.80
C SER C 87 -7.51 28.20 -27.75
N LEU C 88 -6.23 28.32 -27.37
CA LEU C 88 -5.83 29.21 -26.31
C LEU C 88 -6.13 30.65 -26.65
N ARG C 89 -6.83 31.34 -25.75
CA ARG C 89 -7.15 32.76 -25.92
C ARG C 89 -6.14 33.60 -25.15
N ALA C 90 -6.19 34.91 -25.41
CA ALA C 90 -5.36 35.84 -24.65
C ALA C 90 -5.78 35.87 -23.19
N GLU C 91 -7.06 35.62 -22.92
CA GLU C 91 -7.56 35.61 -21.55
C GLU C 91 -6.98 34.46 -20.75
N ASP C 92 -6.57 33.38 -21.42
CA ASP C 92 -5.99 32.22 -20.76
C ASP C 92 -4.59 32.47 -20.21
N THR C 93 -3.98 33.60 -20.53
CA THR C 93 -2.64 33.91 -20.03
C THR C 93 -2.65 34.02 -18.51
N ALA C 94 -1.84 33.20 -17.85
CA ALA C 94 -1.80 33.16 -16.40
C ALA C 94 -0.67 32.23 -15.96
N VAL C 95 -0.46 32.17 -14.65
CA VAL C 95 0.42 31.17 -14.05
C VAL C 95 -0.48 30.05 -13.57
N TYR C 96 -0.18 28.82 -14.03
CA TYR C 96 -1.01 27.67 -13.78
C TYR C 96 -0.37 26.83 -12.67
N TYR C 97 -1.12 26.61 -11.60
CA TYR C 97 -0.69 25.86 -10.44
C TYR C 97 -1.40 24.50 -10.43
N CYS C 98 -0.64 23.47 -10.07
CA CYS C 98 -1.17 22.14 -9.80
C CYS C 98 -1.39 22.01 -8.29
N ALA C 99 -2.62 21.66 -7.90
CA ALA C 99 -2.98 21.59 -6.49
C ALA C 99 -3.57 20.23 -6.16
N LYS C 100 -3.28 19.76 -4.95
CA LYS C 100 -3.83 18.52 -4.45
C LYS C 100 -5.23 18.75 -3.90
N ASN C 101 -6.06 17.70 -3.96
CA ASN C 101 -7.44 17.69 -3.47
C ASN C 101 -8.34 18.54 -4.36
N ARG C 102 -9.64 18.53 -4.06
CA ARG C 102 -10.63 19.23 -4.87
C ARG C 102 -11.22 20.46 -4.19
N ALA C 103 -11.37 20.45 -2.87
CA ALA C 103 -11.96 21.57 -2.13
C ALA C 103 -10.95 22.31 -1.27
N VAL C 104 -10.04 21.62 -0.60
CA VAL C 104 -9.03 22.23 0.25
C VAL C 104 -7.67 21.87 -0.32
N PHE C 105 -7.03 22.82 -0.98
CA PHE C 105 -5.76 22.60 -1.67
C PHE C 105 -4.61 22.76 -0.67
N ASP C 106 -4.18 21.63 -0.10
CA ASP C 106 -3.16 21.68 0.95
C ASP C 106 -1.76 21.88 0.37
N TYR C 107 -1.45 21.21 -0.73
CA TYR C 107 -0.13 21.30 -1.35
C TYR C 107 -0.28 21.79 -2.78
N TRP C 108 0.54 22.77 -3.16
CA TRP C 108 0.49 23.37 -4.48
C TRP C 108 1.81 23.15 -5.20
N GLY C 109 1.76 23.12 -6.53
CA GLY C 109 2.98 23.16 -7.30
C GLY C 109 3.51 24.58 -7.42
N GLN C 110 4.78 24.69 -7.82
CA GLN C 110 5.40 26.01 -7.91
C GLN C 110 4.79 26.86 -9.03
N GLY C 111 4.07 26.26 -9.95
CA GLY C 111 3.42 27.02 -11.00
C GLY C 111 4.25 27.13 -12.25
N THR C 112 3.57 27.13 -13.40
CA THR C 112 4.22 27.32 -14.68
C THR C 112 3.52 28.43 -15.45
N LEU C 113 4.31 29.31 -16.06
CA LEU C 113 3.74 30.48 -16.73
C LEU C 113 3.29 30.13 -18.14
N VAL C 114 2.09 30.56 -18.51
CA VAL C 114 1.56 30.39 -19.85
C VAL C 114 1.14 31.77 -20.34
N THR C 115 1.82 32.27 -21.37
CA THR C 115 1.52 33.55 -21.98
C THR C 115 1.05 33.30 -23.40
N VAL C 116 -0.07 33.90 -23.77
CA VAL C 116 -0.69 33.71 -25.07
C VAL C 116 -0.69 35.05 -25.80
N SER C 117 0.18 35.18 -26.79
CA SER C 117 0.26 36.39 -27.61
C SER C 117 1.05 36.12 -28.89
N THR C 134 -22.99 33.69 -11.77
CA THR C 134 -23.89 32.75 -11.09
C THR C 134 -23.23 32.06 -9.91
N ASP C 135 -21.92 32.24 -9.78
CA ASP C 135 -21.13 31.60 -8.74
C ASP C 135 -21.12 32.47 -7.49
N ILE C 136 -20.30 32.11 -6.51
CA ILE C 136 -20.18 32.87 -5.27
C ILE C 136 -18.99 33.80 -5.41
N GLN C 137 -19.20 35.06 -5.12
CA GLN C 137 -18.16 36.07 -5.29
C GLN C 137 -17.50 36.35 -3.95
N MET C 138 -16.18 36.44 -3.97
CA MET C 138 -15.37 36.66 -2.77
C MET C 138 -14.71 38.02 -2.85
N THR C 139 -14.89 38.84 -1.82
CA THR C 139 -14.27 40.15 -1.76
C THR C 139 -13.36 40.22 -0.55
N GLN C 140 -12.11 40.60 -0.77
CA GLN C 140 -11.13 40.74 0.29
C GLN C 140 -10.85 42.21 0.55
N SER C 141 -10.54 42.53 1.81
CA SER C 141 -10.28 43.88 2.22
C SER C 141 -9.16 43.86 3.27
N PRO C 142 -8.09 44.64 3.05
CA PRO C 142 -7.84 45.51 1.90
C PRO C 142 -7.20 44.74 0.75
N SER C 143 -7.01 45.37 -0.40
CA SER C 143 -6.27 44.73 -1.48
C SER C 143 -4.77 44.70 -1.20
N SER C 144 -4.28 45.68 -0.43
CA SER C 144 -2.88 45.73 -0.02
C SER C 144 -2.79 46.54 1.26
N LEU C 145 -1.71 46.30 2.02
CA LEU C 145 -1.48 47.05 3.25
C LEU C 145 0.01 47.06 3.56
N SER C 146 0.45 48.13 4.21
CA SER C 146 1.84 48.29 4.63
C SER C 146 1.87 48.36 6.15
N ALA C 147 2.55 47.39 6.78
CA ALA C 147 2.67 47.33 8.23
C ALA C 147 4.11 47.04 8.61
N SER C 148 4.42 47.26 9.88
CA SER C 148 5.75 47.03 10.42
C SER C 148 5.81 45.70 11.18
N VAL C 149 7.03 45.30 11.51
CA VAL C 149 7.25 44.05 12.23
C VAL C 149 6.65 44.15 13.63
N GLY C 150 5.94 43.11 14.05
CA GLY C 150 5.30 43.07 15.34
C GLY C 150 3.90 43.64 15.37
N ASP C 151 3.45 44.23 14.27
CA ASP C 151 2.13 44.84 14.20
C ASP C 151 1.04 43.78 14.11
N ARG C 152 -0.20 44.24 14.25
CA ARG C 152 -1.39 43.39 14.16
C ARG C 152 -2.05 43.62 12.81
N VAL C 153 -2.13 42.56 12.00
CA VAL C 153 -2.67 42.65 10.65
C VAL C 153 -4.03 41.97 10.64
N THR C 154 -5.00 42.58 9.96
CA THR C 154 -6.35 42.05 9.88
C THR C 154 -6.81 42.07 8.42
N ILE C 155 -7.22 40.92 7.91
CA ILE C 155 -7.72 40.79 6.55
C ILE C 155 -9.15 40.26 6.63
N THR C 156 -10.05 40.87 5.87
CA THR C 156 -11.47 40.52 5.89
C THR C 156 -11.85 39.88 4.57
N CYS C 157 -12.47 38.70 4.62
CA CYS C 157 -12.98 38.01 3.44
C CYS C 157 -14.49 37.92 3.59
N ARG C 158 -15.22 38.52 2.64
CA ARG C 158 -16.67 38.52 2.67
C ARG C 158 -17.19 37.73 1.47
N ALA C 159 -18.18 36.89 1.73
CA ALA C 159 -18.79 36.04 0.70
C ALA C 159 -20.13 36.61 0.27
N SER C 160 -20.44 36.45 -1.02
CA SER C 160 -21.70 36.98 -1.55
C SER C 160 -22.91 36.27 -0.94
N GLN C 161 -22.75 35.02 -0.51
CA GLN C 161 -23.82 34.29 0.14
C GLN C 161 -23.23 33.40 1.22
N SER C 162 -24.10 32.79 2.02
CA SER C 162 -23.65 31.97 3.15
C SER C 162 -22.88 30.76 2.67
N ILE C 163 -21.64 30.62 3.18
CA ILE C 163 -20.78 29.50 2.87
C ILE C 163 -20.50 28.64 4.09
N SER C 164 -21.27 28.82 5.17
CA SER C 164 -21.13 28.07 6.43
C SER C 164 -19.71 28.31 6.94
N SER C 165 -18.93 27.27 7.24
CA SER C 165 -17.56 27.43 7.70
C SER C 165 -16.57 26.80 6.72
N TYR C 166 -16.90 26.80 5.43
CA TYR C 166 -16.04 26.21 4.40
C TYR C 166 -15.22 27.32 3.77
N LEU C 167 -14.23 27.77 4.53
CA LEU C 167 -13.36 28.87 4.14
C LEU C 167 -11.92 28.46 4.40
N ASN C 168 -11.04 28.79 3.45
CA ASN C 168 -9.62 28.50 3.53
C ASN C 168 -8.82 29.76 3.35
N TRP C 169 -7.69 29.83 4.05
CA TRP C 169 -6.73 30.92 3.94
C TRP C 169 -5.41 30.36 3.43
N TYR C 170 -4.90 30.99 2.37
CA TYR C 170 -3.67 30.60 1.69
C TYR C 170 -2.66 31.74 1.75
N GLN C 171 -1.39 31.38 1.89
CA GLN C 171 -0.27 32.31 1.91
C GLN C 171 0.61 32.06 0.68
N GLN C 172 0.82 33.10 -0.12
CA GLN C 172 1.66 33.03 -1.31
C GLN C 172 2.81 34.01 -1.12
N LYS C 173 4.01 33.47 -0.87
CA LYS C 173 5.21 34.29 -0.83
C LYS C 173 5.55 34.78 -2.23
N PRO C 174 6.36 35.85 -2.34
CA PRO C 174 6.70 36.37 -3.67
C PRO C 174 7.35 35.32 -4.55
N GLY C 175 6.73 35.05 -5.69
CA GLY C 175 7.28 34.12 -6.66
C GLY C 175 7.23 32.66 -6.27
N LYS C 176 6.60 32.32 -5.15
CA LYS C 176 6.55 30.95 -4.66
C LYS C 176 5.13 30.39 -4.82
N ALA C 177 4.99 29.13 -4.45
CA ALA C 177 3.71 28.44 -4.52
C ALA C 177 2.82 28.84 -3.34
N PRO C 178 1.51 28.87 -3.53
CA PRO C 178 0.61 29.13 -2.40
C PRO C 178 0.69 28.01 -1.37
N LYS C 179 0.64 28.40 -0.11
CA LYS C 179 0.70 27.46 1.00
C LYS C 179 -0.61 27.54 1.79
N LEU C 180 -1.13 26.39 2.18
CA LEU C 180 -2.37 26.35 2.94
C LEU C 180 -2.08 26.79 4.37
N LEU C 181 -2.77 27.84 4.82
CA LEU C 181 -2.62 28.34 6.18
C LEU C 181 -3.74 27.85 7.08
N ILE C 182 -4.98 28.13 6.72
CA ILE C 182 -6.13 27.78 7.54
C ILE C 182 -7.15 27.05 6.67
N TYR C 183 -7.79 26.03 7.25
CA TYR C 183 -8.88 25.33 6.59
C TYR C 183 -10.07 25.23 7.52
N THR C 184 -11.23 24.97 6.94
CA THR C 184 -12.51 24.96 7.66
C THR C 184 -12.66 26.21 8.51
N ALA C 185 -12.47 27.37 7.86
CA ALA C 185 -12.71 28.69 8.43
C ALA C 185 -11.71 29.06 9.52
N SER C 186 -11.37 28.11 10.40
CA SER C 186 -10.55 28.45 11.56
C SER C 186 -9.45 27.44 11.88
N THR C 187 -9.52 26.20 11.43
CA THR C 187 -8.52 25.20 11.82
C THR C 187 -7.17 25.53 11.20
N LEU C 188 -6.14 25.58 12.04
CA LEU C 188 -4.80 25.89 11.60
C LEU C 188 -4.13 24.68 10.97
N GLN C 189 -3.38 24.92 9.90
CA GLN C 189 -2.63 23.87 9.23
C GLN C 189 -1.37 23.53 10.03
N SER C 190 -1.01 22.25 10.02
CA SER C 190 0.19 21.81 10.73
C SER C 190 1.42 22.51 10.18
N GLY C 191 2.19 23.12 11.08
CA GLY C 191 3.39 23.85 10.71
C GLY C 191 3.20 25.36 10.64
N VAL C 192 1.97 25.84 10.78
CA VAL C 192 1.68 27.27 10.74
C VAL C 192 1.85 27.83 12.15
N PRO C 193 2.54 28.95 12.33
CA PRO C 193 2.68 29.53 13.66
C PRO C 193 1.35 29.91 14.28
N SER C 194 1.31 29.92 15.61
CA SER C 194 0.08 30.22 16.33
C SER C 194 -0.34 31.68 16.20
N ARG C 195 0.54 32.54 15.68
CA ARG C 195 0.21 33.94 15.49
C ARG C 195 -0.88 34.14 14.45
N PHE C 196 -1.08 33.19 13.53
CA PHE C 196 -2.18 33.25 12.58
C PHE C 196 -3.45 32.76 13.25
N SER C 197 -4.55 33.50 13.06
CA SER C 197 -5.83 33.11 13.64
C SER C 197 -6.94 33.43 12.66
N GLY C 198 -7.74 32.43 12.31
CA GLY C 198 -8.87 32.61 11.42
C GLY C 198 -10.16 32.49 12.20
N SER C 199 -11.10 33.41 11.94
CA SER C 199 -12.36 33.43 12.65
C SER C 199 -13.45 33.89 11.70
N GLY C 200 -14.68 33.80 12.16
CA GLY C 200 -15.83 34.22 11.38
C GLY C 200 -16.68 33.05 10.95
N SER C 201 -17.82 33.38 10.34
CA SER C 201 -18.77 32.38 9.91
C SER C 201 -19.74 33.01 8.92
N GLY C 202 -20.60 32.16 8.36
CA GLY C 202 -21.65 32.62 7.48
C GLY C 202 -21.12 33.24 6.20
N THR C 203 -21.11 34.57 6.16
CA THR C 203 -20.58 35.31 5.01
C THR C 203 -19.43 36.23 5.37
N ASP C 204 -18.98 36.26 6.62
CA ASP C 204 -17.94 37.19 7.05
C ASP C 204 -16.85 36.42 7.78
N PHE C 205 -15.60 36.54 7.32
CA PHE C 205 -14.47 35.86 7.92
C PHE C 205 -13.31 36.84 8.03
N THR C 206 -12.48 36.65 9.04
CA THR C 206 -11.29 37.49 9.23
C THR C 206 -10.08 36.62 9.56
N LEU C 207 -8.95 36.98 8.96
CA LEU C 207 -7.65 36.39 9.26
C LEU C 207 -6.79 37.44 9.95
N THR C 208 -6.34 37.14 11.15
CA THR C 208 -5.59 38.08 11.98
C THR C 208 -4.22 37.51 12.26
N ILE C 209 -3.20 38.36 12.06
CA ILE C 209 -1.83 38.07 12.45
C ILE C 209 -1.55 38.93 13.66
N SER C 210 -1.35 38.27 14.82
CA SER C 210 -1.19 38.99 16.07
C SER C 210 0.08 39.84 16.06
N SER C 211 1.23 39.19 15.89
CA SER C 211 2.51 39.89 15.81
C SER C 211 3.13 39.54 14.46
N LEU C 212 3.20 40.52 13.57
CA LEU C 212 3.75 40.30 12.25
C LEU C 212 5.24 39.99 12.34
N GLN C 213 5.73 39.16 11.42
CA GLN C 213 7.12 38.74 11.38
C GLN C 213 7.71 39.09 10.02
N PRO C 214 9.04 39.19 9.92
CA PRO C 214 9.64 39.59 8.64
C PRO C 214 9.36 38.64 7.49
N GLU C 215 9.18 37.36 7.77
CA GLU C 215 8.88 36.39 6.72
C GLU C 215 7.40 36.31 6.37
N ASP C 216 6.53 36.96 7.15
CA ASP C 216 5.09 36.88 6.93
C ASP C 216 4.59 37.80 5.82
N PHE C 217 5.47 38.62 5.24
CA PHE C 217 5.07 39.55 4.19
C PHE C 217 4.83 38.79 2.90
N ALA C 218 3.55 38.55 2.58
CA ALA C 218 3.17 37.78 1.39
C ALA C 218 1.76 38.19 1.00
N THR C 219 1.22 37.53 -0.03
CA THR C 219 -0.14 37.76 -0.48
C THR C 219 -1.06 36.68 0.08
N TYR C 220 -2.19 37.09 0.62
CA TYR C 220 -3.09 36.16 1.31
C TYR C 220 -4.41 36.05 0.56
N TYR C 221 -4.86 34.82 0.34
CA TYR C 221 -6.07 34.53 -0.42
C TYR C 221 -7.07 33.77 0.46
N CYS C 222 -8.36 34.00 0.21
CA CYS C 222 -9.43 33.24 0.86
C CYS C 222 -10.21 32.50 -0.21
N GLN C 223 -10.51 31.23 0.07
CA GLN C 223 -11.24 30.36 -0.84
C GLN C 223 -12.44 29.76 -0.13
N GLN C 224 -13.50 29.49 -0.89
CA GLN C 224 -14.68 28.84 -0.37
C GLN C 224 -14.90 27.51 -1.09
N TYR C 225 -15.44 26.53 -0.35
CA TYR C 225 -15.80 25.26 -0.96
C TYR C 225 -17.20 24.81 -0.56
N ARG C 226 -18.05 25.76 -0.16
CA ARG C 226 -19.46 25.44 0.07
C ARG C 226 -20.18 25.16 -1.25
N GLN C 227 -19.83 25.91 -2.30
CA GLN C 227 -20.43 25.76 -3.61
C GLN C 227 -19.39 25.35 -4.63
N ARG C 228 -19.74 24.39 -5.47
CA ARG C 228 -18.88 24.15 -6.62
C ARG C 228 -19.30 25.06 -7.76
N PRO C 229 -18.37 25.70 -8.49
CA PRO C 229 -16.90 25.64 -8.41
C PRO C 229 -16.34 26.45 -7.25
N PRO C 230 -15.29 25.96 -6.59
CA PRO C 230 -14.67 26.75 -5.50
C PRO C 230 -14.03 28.02 -6.05
N THR C 231 -14.33 29.14 -5.41
CA THR C 231 -13.86 30.45 -5.83
C THR C 231 -12.89 31.03 -4.81
N PHE C 232 -12.00 31.88 -5.30
CA PHE C 232 -11.00 32.56 -4.48
C PHE C 232 -11.33 34.05 -4.37
N GLY C 233 -10.55 34.74 -3.53
CA GLY C 233 -10.60 36.18 -3.48
C GLY C 233 -9.55 36.81 -4.38
N GLN C 234 -9.64 38.13 -4.54
CA GLN C 234 -8.65 38.81 -5.38
C GLN C 234 -7.27 38.85 -4.73
N GLY C 235 -7.18 38.69 -3.41
CA GLY C 235 -5.91 38.65 -2.74
C GLY C 235 -5.62 39.92 -1.96
N THR C 236 -4.81 39.79 -0.92
CA THR C 236 -4.40 40.89 -0.08
C THR C 236 -2.88 40.87 0.07
N LYS C 237 -2.21 41.90 -0.44
CA LYS C 237 -0.76 41.98 -0.39
C LYS C 237 -0.33 42.67 0.89
N VAL C 238 0.70 42.11 1.54
CA VAL C 238 1.24 42.65 2.78
C VAL C 238 2.67 43.11 2.52
N GLU C 239 2.89 44.41 2.65
CA GLU C 239 4.18 45.05 2.35
C GLU C 239 4.77 45.63 3.64
N ILE C 240 5.95 46.24 3.50
CA ILE C 240 6.65 46.83 4.63
C ILE C 240 6.16 48.24 4.88
N GLU D 3 24.03 -29.18 -18.52
CA GLU D 3 22.64 -29.59 -18.61
C GLU D 3 21.77 -28.46 -19.16
N VAL D 4 21.72 -27.34 -18.44
CA VAL D 4 20.93 -26.18 -18.83
C VAL D 4 21.89 -25.09 -19.27
N GLN D 5 21.82 -24.73 -20.56
CA GLN D 5 22.70 -23.74 -21.16
C GLN D 5 21.89 -22.59 -21.71
N LEU D 6 22.38 -21.36 -21.49
CA LEU D 6 21.76 -20.14 -22.00
C LEU D 6 22.90 -19.30 -22.58
N LEU D 7 23.14 -19.44 -23.88
CA LEU D 7 24.26 -18.79 -24.54
C LEU D 7 23.83 -17.44 -25.10
N GLU D 8 24.50 -16.37 -24.66
CA GLU D 8 24.15 -15.02 -25.08
C GLU D 8 25.11 -14.53 -26.16
N SER D 9 24.57 -13.66 -27.01
CA SER D 9 25.37 -13.04 -28.07
C SER D 9 24.63 -11.80 -28.56
N GLY D 10 25.32 -11.02 -29.39
CA GLY D 10 24.75 -9.83 -29.99
C GLY D 10 25.17 -8.54 -29.32
N GLY D 11 25.82 -8.60 -28.16
CA GLY D 11 26.27 -7.41 -27.48
C GLY D 11 27.56 -6.87 -28.06
N GLY D 12 28.03 -5.79 -27.47
CA GLY D 12 29.24 -5.16 -27.93
C GLY D 12 29.34 -3.69 -27.56
N LEU D 13 29.85 -2.88 -28.47
CA LEU D 13 30.04 -1.45 -28.27
C LEU D 13 29.34 -0.70 -29.38
N VAL D 14 28.52 0.29 -29.01
CA VAL D 14 27.76 1.06 -29.98
C VAL D 14 27.75 2.53 -29.60
N GLN D 15 27.50 3.36 -30.59
CA GLN D 15 27.39 4.79 -30.41
C GLN D 15 26.02 5.14 -29.81
N PRO D 16 25.91 6.26 -29.09
CA PRO D 16 24.60 6.67 -28.58
C PRO D 16 23.60 6.84 -29.71
N GLY D 17 22.40 6.32 -29.49
CA GLY D 17 21.38 6.33 -30.51
C GLY D 17 21.34 5.08 -31.37
N GLY D 18 22.36 4.24 -31.30
CA GLY D 18 22.43 3.04 -32.10
C GLY D 18 21.49 1.96 -31.61
N SER D 19 21.56 0.81 -32.28
CA SER D 19 20.70 -0.31 -31.98
C SER D 19 21.52 -1.58 -31.88
N LEU D 20 20.95 -2.56 -31.18
CA LEU D 20 21.57 -3.87 -30.99
C LEU D 20 20.47 -4.91 -30.90
N ARG D 21 20.82 -6.16 -31.17
CA ARG D 21 19.89 -7.27 -30.99
C ARG D 21 20.59 -8.36 -30.19
N LEU D 22 20.11 -8.60 -28.98
CA LEU D 22 20.67 -9.63 -28.12
C LEU D 22 19.90 -10.93 -28.32
N SER D 23 20.64 -12.03 -28.43
CA SER D 23 20.06 -13.35 -28.63
C SER D 23 20.57 -14.30 -27.56
N CYS D 24 19.65 -15.00 -26.89
CA CYS D 24 19.95 -15.99 -25.87
C CYS D 24 19.41 -17.32 -26.37
N ALA D 25 20.30 -18.22 -26.79
CA ALA D 25 19.93 -19.55 -27.25
C ALA D 25 19.91 -20.48 -26.05
N ALA D 26 18.74 -21.04 -25.76
CA ALA D 26 18.57 -21.90 -24.61
C ALA D 26 18.54 -23.37 -25.02
N SER D 27 18.99 -24.22 -24.09
CA SER D 27 18.99 -25.66 -24.33
C SER D 27 19.02 -26.36 -22.98
N GLY D 28 18.34 -27.50 -22.91
CA GLY D 28 18.28 -28.29 -21.69
C GLY D 28 16.95 -28.23 -20.97
N PHE D 29 15.95 -27.56 -21.53
CA PHE D 29 14.62 -27.53 -20.93
C PHE D 29 13.62 -27.17 -22.01
N THR D 30 12.34 -27.36 -21.69
CA THR D 30 11.26 -27.02 -22.61
C THR D 30 11.13 -25.51 -22.66
N PHE D 31 11.72 -24.90 -23.70
CA PHE D 31 11.77 -23.44 -23.78
C PHE D 31 10.38 -22.84 -23.86
N SER D 32 9.47 -23.48 -24.60
CA SER D 32 8.13 -22.94 -24.80
C SER D 32 7.25 -23.03 -23.56
N SER D 33 7.73 -23.62 -22.46
CA SER D 33 6.92 -23.77 -21.26
C SER D 33 7.21 -22.74 -20.19
N TYR D 34 8.35 -22.05 -20.25
CA TYR D 34 8.73 -21.08 -19.24
C TYR D 34 8.76 -19.67 -19.81
N ALA D 35 8.56 -18.70 -18.94
CA ALA D 35 8.77 -17.31 -19.30
C ALA D 35 10.26 -16.99 -19.28
N MET D 36 10.63 -15.94 -20.00
CA MET D 36 12.03 -15.56 -20.12
C MET D 36 12.17 -14.08 -19.81
N SER D 37 13.29 -13.72 -19.20
CA SER D 37 13.50 -12.35 -18.78
C SER D 37 14.91 -11.91 -19.16
N TRP D 38 15.07 -10.61 -19.33
CA TRP D 38 16.37 -9.98 -19.47
C TRP D 38 16.58 -9.07 -18.28
N VAL D 39 17.75 -9.20 -17.63
CA VAL D 39 18.13 -8.43 -16.47
C VAL D 39 19.51 -7.84 -16.71
N ARG D 40 19.65 -6.53 -16.55
CA ARG D 40 20.93 -5.88 -16.79
C ARG D 40 21.55 -5.42 -15.49
N GLN D 41 22.88 -5.37 -15.46
CA GLN D 41 23.63 -4.91 -14.31
C GLN D 41 24.64 -3.88 -14.79
N ALA D 42 24.48 -2.64 -14.35
CA ALA D 42 25.42 -1.58 -14.70
C ALA D 42 26.78 -1.87 -14.09
N PRO D 43 27.85 -1.32 -14.69
CA PRO D 43 29.20 -1.57 -14.15
C PRO D 43 29.32 -1.07 -12.72
N GLY D 44 29.68 -1.98 -11.82
CA GLY D 44 29.84 -1.63 -10.42
C GLY D 44 28.55 -1.25 -9.72
N LYS D 45 27.41 -1.67 -10.23
CA LYS D 45 26.11 -1.39 -9.64
C LYS D 45 25.34 -2.69 -9.45
N GLY D 46 24.10 -2.57 -8.99
CA GLY D 46 23.27 -3.72 -8.74
C GLY D 46 22.50 -4.20 -9.96
N LEU D 47 21.80 -5.31 -9.79
CA LEU D 47 20.99 -5.90 -10.85
C LEU D 47 19.70 -5.10 -11.06
N GLU D 48 19.21 -5.13 -12.29
CA GLU D 48 18.00 -4.39 -12.66
C GLU D 48 17.21 -5.19 -13.68
N TRP D 49 15.92 -5.41 -13.38
CA TRP D 49 15.06 -6.13 -14.31
C TRP D 49 14.79 -5.27 -15.55
N VAL D 50 14.98 -5.86 -16.72
CA VAL D 50 14.80 -5.13 -17.98
C VAL D 50 13.50 -5.50 -18.66
N SER D 51 13.31 -6.79 -18.95
CA SER D 51 12.15 -7.20 -19.72
C SER D 51 11.79 -8.65 -19.41
N THR D 52 10.58 -9.03 -19.82
CA THR D 52 10.09 -10.39 -19.67
C THR D 52 9.06 -10.69 -20.76
N ILE D 53 9.10 -11.92 -21.27
CA ILE D 53 8.12 -12.43 -22.23
C ILE D 53 7.58 -13.74 -21.69
N LEU D 54 6.30 -13.99 -21.93
CA LEU D 54 5.61 -15.15 -21.40
C LEU D 54 5.77 -16.35 -22.35
N GLN D 55 5.15 -17.47 -21.98
CA GLN D 55 5.39 -18.72 -22.71
C GLN D 55 4.75 -18.70 -24.10
N HIS D 56 3.49 -18.27 -24.19
CA HIS D 56 2.86 -18.18 -25.50
C HIS D 56 3.50 -17.09 -26.36
N GLY D 57 4.29 -16.22 -25.74
CA GLY D 57 4.96 -15.14 -26.42
C GLY D 57 4.04 -14.10 -27.02
N GLN D 58 3.00 -13.71 -26.28
CA GLN D 58 2.10 -12.66 -26.71
C GLN D 58 2.00 -11.54 -25.69
N ARG D 59 2.55 -11.73 -24.49
CA ARG D 59 2.51 -10.71 -23.45
C ARG D 59 3.96 -10.37 -23.15
N THR D 60 4.28 -9.09 -23.24
CA THR D 60 5.63 -8.60 -22.96
C THR D 60 5.56 -7.54 -21.89
N LEU D 61 6.55 -7.54 -21.01
CA LEU D 61 6.66 -6.55 -19.95
C LEU D 61 8.04 -5.95 -19.99
N TYR D 62 8.11 -4.63 -19.86
CA TYR D 62 9.38 -3.92 -19.91
C TYR D 62 9.49 -3.03 -18.69
N ALA D 63 10.73 -2.73 -18.30
CA ALA D 63 10.94 -1.71 -17.29
C ALA D 63 10.63 -0.35 -17.88
N ASP D 64 10.25 0.59 -17.01
CA ASP D 64 9.83 1.90 -17.49
C ASP D 64 10.99 2.66 -18.13
N SER D 65 12.23 2.39 -17.69
CA SER D 65 13.37 3.08 -18.24
C SER D 65 13.69 2.66 -19.67
N VAL D 66 13.30 1.44 -20.06
CA VAL D 66 13.57 0.92 -21.40
C VAL D 66 12.29 0.70 -22.20
N LYS D 67 11.14 1.14 -21.66
CA LYS D 67 9.88 0.93 -22.35
C LYS D 67 9.80 1.81 -23.60
N GLY D 68 9.30 1.22 -24.69
CA GLY D 68 9.20 1.89 -25.96
C GLY D 68 10.44 1.79 -26.84
N ARG D 69 11.61 1.60 -26.23
CA ARG D 69 12.86 1.47 -26.98
C ARG D 69 13.27 0.02 -27.19
N PHE D 70 12.98 -0.85 -26.22
CA PHE D 70 13.35 -2.25 -26.30
C PHE D 70 12.14 -3.08 -26.71
N THR D 71 12.41 -4.18 -27.42
CA THR D 71 11.36 -5.08 -27.88
C THR D 71 11.83 -6.51 -27.66
N ILE D 72 11.16 -7.23 -26.77
CA ILE D 72 11.52 -8.61 -26.47
C ILE D 72 10.64 -9.53 -27.32
N SER D 73 11.22 -10.65 -27.73
CA SER D 73 10.53 -11.63 -28.54
C SER D 73 11.19 -12.98 -28.33
N ARG D 74 10.52 -14.04 -28.78
CA ARG D 74 11.05 -15.38 -28.65
C ARG D 74 10.69 -16.18 -29.89
N ASP D 75 11.57 -17.11 -30.24
CA ASP D 75 11.37 -18.03 -31.36
C ASP D 75 11.42 -19.43 -30.76
N ASN D 76 10.24 -20.00 -30.49
CA ASN D 76 10.17 -21.30 -29.85
C ASN D 76 10.62 -22.44 -30.76
N SER D 77 10.59 -22.24 -32.08
CA SER D 77 11.08 -23.28 -32.98
C SER D 77 12.59 -23.44 -32.87
N LYS D 78 13.32 -22.35 -32.64
CA LYS D 78 14.76 -22.37 -32.47
C LYS D 78 15.21 -22.33 -31.02
N ASN D 79 14.28 -22.18 -30.07
CA ASN D 79 14.62 -22.06 -28.65
C ASN D 79 15.57 -20.89 -28.39
N THR D 80 15.19 -19.73 -28.92
CA THR D 80 16.00 -18.52 -28.83
C THR D 80 15.15 -17.36 -28.33
N LEU D 81 15.75 -16.51 -27.50
CA LEU D 81 15.11 -15.35 -26.91
C LEU D 81 15.80 -14.08 -27.40
N TYR D 82 15.05 -13.19 -28.02
CA TYR D 82 15.61 -11.97 -28.60
C TYR D 82 15.19 -10.73 -27.81
N LEU D 83 16.08 -9.74 -27.79
CA LEU D 83 15.80 -8.43 -27.23
C LEU D 83 16.42 -7.37 -28.13
N GLN D 84 15.57 -6.58 -28.80
CA GLN D 84 16.01 -5.53 -29.71
C GLN D 84 16.08 -4.20 -28.97
N MET D 85 17.28 -3.64 -28.89
CA MET D 85 17.54 -2.38 -28.18
C MET D 85 17.71 -1.25 -29.19
N ASN D 86 16.91 -0.20 -29.04
CA ASN D 86 16.97 0.94 -29.95
C ASN D 86 17.18 2.23 -29.16
N SER D 87 17.77 3.22 -29.84
CA SER D 87 18.07 4.52 -29.23
C SER D 87 18.86 4.36 -27.94
N LEU D 88 19.92 3.57 -28.00
CA LEU D 88 20.69 3.24 -26.81
C LEU D 88 21.32 4.48 -26.19
N ARG D 89 21.06 4.67 -24.90
CA ARG D 89 21.61 5.77 -24.11
C ARG D 89 22.81 5.31 -23.30
N ALA D 90 23.49 6.29 -22.70
CA ALA D 90 24.61 5.95 -21.83
C ALA D 90 24.16 5.19 -20.59
N GLU D 91 22.93 5.43 -20.12
CA GLU D 91 22.42 4.72 -18.97
C GLU D 91 22.19 3.24 -19.28
N ASP D 92 21.99 2.89 -20.55
CA ASP D 92 21.76 1.51 -20.95
C ASP D 92 23.02 0.65 -20.88
N THR D 93 24.18 1.23 -20.65
CA THR D 93 25.43 0.46 -20.59
C THR D 93 25.39 -0.50 -19.40
N ALA D 94 25.53 -1.79 -19.68
CA ALA D 94 25.43 -2.80 -18.63
C ALA D 94 25.78 -4.17 -19.20
N VAL D 95 25.83 -5.16 -18.32
CA VAL D 95 25.93 -6.56 -18.71
C VAL D 95 24.52 -7.13 -18.67
N TYR D 96 24.09 -7.72 -19.79
CA TYR D 96 22.72 -8.19 -19.95
C TYR D 96 22.69 -9.71 -19.83
N TYR D 97 21.91 -10.20 -18.86
CA TYR D 97 21.73 -11.62 -18.63
C TYR D 97 20.32 -12.03 -19.07
N CYS D 98 20.22 -13.19 -19.69
CA CYS D 98 18.94 -13.82 -19.96
C CYS D 98 18.67 -14.82 -18.84
N ALA D 99 17.49 -14.73 -18.23
CA ALA D 99 17.13 -15.54 -17.08
C ALA D 99 15.83 -16.28 -17.35
N LYS D 100 15.72 -17.48 -16.79
CA LYS D 100 14.50 -18.25 -16.91
C LYS D 100 13.46 -17.78 -15.89
N ASN D 101 12.19 -17.92 -16.26
CA ASN D 101 11.03 -17.56 -15.43
C ASN D 101 10.89 -16.06 -15.28
N ARG D 102 9.81 -15.62 -14.63
CA ARG D 102 9.50 -14.21 -14.47
C ARG D 102 9.70 -13.70 -13.05
N ALA D 103 9.49 -14.54 -12.04
CA ALA D 103 9.59 -14.15 -10.65
C ALA D 103 10.82 -14.73 -9.95
N VAL D 104 11.16 -15.99 -10.21
CA VAL D 104 12.31 -16.64 -9.58
C VAL D 104 13.26 -17.04 -10.70
N PHE D 105 14.35 -16.29 -10.86
CA PHE D 105 15.31 -16.54 -11.93
C PHE D 105 16.29 -17.60 -11.45
N ASP D 106 15.97 -18.87 -11.73
CA ASP D 106 16.81 -19.96 -11.24
C ASP D 106 18.06 -20.14 -12.08
N TYR D 107 17.96 -19.99 -13.39
CA TYR D 107 19.09 -20.15 -14.29
C TYR D 107 19.32 -18.86 -15.05
N TRP D 108 20.56 -18.40 -15.06
CA TRP D 108 20.95 -17.15 -15.70
C TRP D 108 21.95 -17.43 -16.81
N GLY D 109 21.98 -16.53 -17.79
CA GLY D 109 23.03 -16.60 -18.78
C GLY D 109 24.31 -16.00 -18.27
N GLN D 110 25.41 -16.32 -18.96
CA GLN D 110 26.71 -15.83 -18.54
C GLN D 110 26.83 -14.31 -18.69
N GLY D 111 25.92 -13.70 -19.45
CA GLY D 111 25.90 -12.26 -19.62
C GLY D 111 26.66 -11.80 -20.84
N THR D 112 26.15 -10.76 -21.51
CA THR D 112 26.84 -10.15 -22.63
C THR D 112 26.91 -8.66 -22.37
N LEU D 113 28.08 -8.07 -22.61
CA LEU D 113 28.31 -6.67 -22.27
C LEU D 113 27.84 -5.76 -23.40
N VAL D 114 27.13 -4.70 -23.03
CA VAL D 114 26.69 -3.68 -23.96
C VAL D 114 27.19 -2.35 -23.44
N THR D 115 28.08 -1.72 -24.21
CA THR D 115 28.70 -0.45 -23.88
C THR D 115 28.25 0.59 -24.90
N VAL D 116 27.85 1.75 -24.40
CA VAL D 116 27.33 2.83 -25.25
C VAL D 116 28.28 4.01 -25.14
N SER D 117 28.99 4.31 -26.22
CA SER D 117 29.85 5.48 -26.30
C SER D 117 30.25 5.74 -27.76
N THR D 134 7.94 4.53 -7.71
CA THR D 134 6.59 4.01 -7.48
C THR D 134 6.60 2.48 -7.37
N ASP D 135 7.80 1.91 -7.37
CA ASP D 135 8.00 0.47 -7.25
C ASP D 135 8.31 0.11 -5.80
N ILE D 136 8.71 -1.13 -5.58
CA ILE D 136 9.03 -1.62 -4.24
C ILE D 136 10.53 -1.53 -4.06
N GLN D 137 10.96 -0.91 -2.97
CA GLN D 137 12.37 -0.64 -2.73
C GLN D 137 12.96 -1.69 -1.80
N MET D 138 14.14 -2.19 -2.16
CA MET D 138 14.85 -3.18 -1.37
C MET D 138 16.14 -2.56 -0.87
N THR D 139 16.36 -2.59 0.44
CA THR D 139 17.57 -2.04 1.04
C THR D 139 18.30 -3.13 1.79
N GLN D 140 19.58 -3.30 1.50
CA GLN D 140 20.39 -4.30 2.16
C GLN D 140 21.34 -3.64 3.14
N SER D 141 21.66 -4.37 4.21
CA SER D 141 22.53 -3.87 5.25
C SER D 141 23.41 -5.03 5.72
N PRO D 142 24.73 -4.85 5.72
CA PRO D 142 25.45 -3.65 5.28
C PRO D 142 25.68 -3.66 3.76
N SER D 143 26.22 -2.58 3.20
CA SER D 143 26.58 -2.60 1.80
C SER D 143 27.83 -3.42 1.57
N SER D 144 28.68 -3.52 2.59
CA SER D 144 29.88 -4.35 2.54
C SER D 144 30.24 -4.73 3.97
N LEU D 145 30.96 -5.85 4.10
CA LEU D 145 31.42 -6.30 5.39
C LEU D 145 32.68 -7.13 5.20
N SER D 146 33.55 -7.10 6.20
CA SER D 146 34.80 -7.85 6.18
C SER D 146 34.78 -8.87 7.31
N ALA D 147 34.84 -10.15 6.95
CA ALA D 147 34.84 -11.23 7.91
C ALA D 147 35.92 -12.24 7.54
N SER D 148 36.26 -13.08 8.50
CA SER D 148 37.24 -14.14 8.31
C SER D 148 36.55 -15.47 8.09
N VAL D 149 37.34 -16.48 7.71
CA VAL D 149 36.78 -17.80 7.45
C VAL D 149 36.24 -18.39 8.74
N GLY D 150 35.05 -18.98 8.66
CA GLY D 150 34.40 -19.57 9.81
C GLY D 150 33.51 -18.64 10.60
N ASP D 151 33.50 -17.35 10.27
CA ASP D 151 32.68 -16.40 11.01
C ASP D 151 31.20 -16.58 10.66
N ARG D 152 30.35 -15.94 11.45
CA ARG D 152 28.91 -15.95 11.26
C ARG D 152 28.52 -14.61 10.64
N VAL D 153 28.03 -14.64 9.40
CA VAL D 153 27.71 -13.42 8.67
C VAL D 153 26.21 -13.31 8.51
N THR D 154 25.68 -12.11 8.68
CA THR D 154 24.25 -11.84 8.58
C THR D 154 24.03 -10.63 7.68
N ILE D 155 23.18 -10.79 6.67
CA ILE D 155 22.81 -9.72 5.76
C ILE D 155 21.32 -9.48 5.93
N THR D 156 20.92 -8.22 6.05
CA THR D 156 19.53 -7.87 6.30
C THR D 156 18.96 -7.22 5.06
N CYS D 157 17.83 -7.74 4.58
CA CYS D 157 17.13 -7.21 3.43
C CYS D 157 15.78 -6.68 3.90
N ARG D 158 15.54 -5.40 3.71
CA ARG D 158 14.30 -4.76 4.13
C ARG D 158 13.54 -4.26 2.91
N ALA D 159 12.24 -4.51 2.90
CA ALA D 159 11.36 -4.12 1.82
C ALA D 159 10.56 -2.89 2.23
N SER D 160 10.30 -2.01 1.27
CA SER D 160 9.55 -0.79 1.55
C SER D 160 8.11 -1.10 1.97
N GLN D 161 7.56 -2.23 1.54
CA GLN D 161 6.23 -2.65 1.94
C GLN D 161 6.22 -4.16 2.12
N SER D 162 5.12 -4.67 2.68
CA SER D 162 5.01 -6.08 2.98
C SER D 162 4.99 -6.90 1.69
N ILE D 163 5.93 -7.84 1.58
CA ILE D 163 6.00 -8.76 0.46
C ILE D 163 5.75 -10.20 0.89
N SER D 164 5.30 -10.40 2.13
CA SER D 164 5.00 -11.73 2.68
C SER D 164 6.27 -12.57 2.57
N SER D 165 6.24 -13.72 1.89
CA SER D 165 7.43 -14.56 1.75
C SER D 165 7.90 -14.65 0.30
N TYR D 166 7.72 -13.58 -0.47
CA TYR D 166 8.12 -13.56 -1.88
C TYR D 166 9.45 -12.83 -2.03
N LEU D 167 10.51 -13.47 -1.55
CA LEU D 167 11.86 -12.92 -1.61
C LEU D 167 12.83 -14.00 -2.04
N ASN D 168 13.79 -13.64 -2.90
CA ASN D 168 14.82 -14.55 -3.36
C ASN D 168 16.20 -13.97 -3.08
N TRP D 169 17.15 -14.85 -2.79
CA TRP D 169 18.55 -14.50 -2.53
C TRP D 169 19.44 -15.12 -3.59
N TYR D 170 20.28 -14.28 -4.20
CA TYR D 170 21.21 -14.65 -5.26
C TYR D 170 22.65 -14.38 -4.84
N GLN D 171 23.56 -15.24 -5.29
CA GLN D 171 24.99 -15.09 -5.04
C GLN D 171 25.69 -14.85 -6.37
N GLN D 172 26.39 -13.72 -6.48
CA GLN D 172 27.13 -13.34 -7.67
C GLN D 172 28.60 -13.16 -7.31
N LYS D 173 29.43 -14.09 -7.77
CA LYS D 173 30.87 -13.93 -7.67
C LYS D 173 31.35 -12.84 -8.63
N PRO D 174 32.54 -12.28 -8.39
CA PRO D 174 33.03 -11.20 -9.27
C PRO D 174 33.14 -11.65 -10.72
N GLY D 175 32.48 -10.90 -11.61
CA GLY D 175 32.55 -11.13 -13.03
C GLY D 175 31.78 -12.33 -13.54
N LYS D 176 31.05 -13.03 -12.68
CA LYS D 176 30.30 -14.22 -13.09
C LYS D 176 28.81 -13.92 -13.06
N ALA D 177 28.03 -14.91 -13.47
CA ALA D 177 26.57 -14.79 -13.49
C ALA D 177 25.99 -14.99 -12.11
N PRO D 178 24.87 -14.32 -11.80
CA PRO D 178 24.20 -14.56 -10.52
C PRO D 178 23.68 -15.99 -10.41
N LYS D 179 23.79 -16.56 -9.22
CA LYS D 179 23.32 -17.89 -8.91
C LYS D 179 22.23 -17.82 -7.85
N LEU D 180 21.17 -18.59 -8.04
CA LEU D 180 20.05 -18.60 -7.10
C LEU D 180 20.42 -19.39 -5.85
N LEU D 181 20.33 -18.74 -4.69
CA LEU D 181 20.59 -19.38 -3.40
C LEU D 181 19.29 -19.74 -2.68
N ILE D 182 18.43 -18.77 -2.46
CA ILE D 182 17.19 -18.97 -1.70
C ILE D 182 16.03 -18.47 -2.55
N TYR D 183 14.91 -19.18 -2.50
CA TYR D 183 13.68 -18.69 -3.11
C TYR D 183 12.52 -18.87 -2.15
N THR D 184 11.47 -18.10 -2.38
CA THR D 184 10.31 -18.04 -1.48
C THR D 184 10.75 -17.82 -0.04
N ALA D 185 11.56 -16.78 0.16
CA ALA D 185 11.99 -16.27 1.46
C ALA D 185 12.94 -17.20 2.21
N SER D 186 12.67 -18.51 2.20
CA SER D 186 13.46 -19.43 3.03
C SER D 186 13.85 -20.73 2.35
N THR D 187 13.19 -21.15 1.28
CA THR D 187 13.50 -22.43 0.66
C THR D 187 14.89 -22.40 0.03
N LEU D 188 15.71 -23.38 0.40
CA LEU D 188 17.06 -23.47 -0.14
C LEU D 188 17.03 -24.04 -1.55
N GLN D 189 17.87 -23.50 -2.43
CA GLN D 189 17.95 -23.98 -3.80
C GLN D 189 18.73 -25.29 -3.84
N SER D 190 18.31 -26.17 -4.76
CA SER D 190 18.98 -27.46 -4.91
C SER D 190 20.44 -27.26 -5.27
N GLY D 191 21.33 -27.88 -4.51
CA GLY D 191 22.76 -27.76 -4.70
C GLY D 191 23.45 -26.77 -3.80
N VAL D 192 22.71 -26.02 -2.98
CA VAL D 192 23.29 -25.02 -2.09
C VAL D 192 23.70 -25.67 -0.78
N PRO D 193 24.90 -25.39 -0.27
CA PRO D 193 25.31 -25.97 1.02
C PRO D 193 24.39 -25.52 2.15
N SER D 194 24.32 -26.36 3.18
CA SER D 194 23.43 -26.10 4.31
C SER D 194 23.88 -24.93 5.18
N ARG D 195 25.10 -24.42 5.00
CA ARG D 195 25.54 -23.30 5.82
C ARG D 195 24.75 -22.02 5.53
N PHE D 196 24.18 -21.89 4.33
CA PHE D 196 23.35 -20.75 4.00
C PHE D 196 21.95 -20.97 4.56
N SER D 197 21.38 -19.91 5.16
CA SER D 197 20.06 -19.98 5.73
C SER D 197 19.32 -18.68 5.47
N GLY D 198 18.13 -18.78 4.88
CA GLY D 198 17.28 -17.62 4.65
C GLY D 198 16.09 -17.64 5.59
N SER D 199 15.80 -16.49 6.18
CA SER D 199 14.72 -16.37 7.14
C SER D 199 14.08 -15.00 7.01
N GLY D 200 12.97 -14.82 7.69
CA GLY D 200 12.26 -13.56 7.70
C GLY D 200 10.96 -13.62 6.93
N SER D 201 10.20 -12.53 7.03
CA SER D 201 8.90 -12.42 6.38
C SER D 201 8.50 -10.96 6.37
N GLY D 202 7.36 -10.69 5.72
CA GLY D 202 6.78 -9.36 5.72
C GLY D 202 7.66 -8.35 5.02
N THR D 203 8.37 -7.54 5.79
CA THR D 203 9.29 -6.55 5.25
C THR D 203 10.72 -6.77 5.70
N ASP D 204 11.01 -7.79 6.50
CA ASP D 204 12.36 -7.99 7.02
C ASP D 204 12.81 -9.42 6.78
N PHE D 205 13.96 -9.58 6.13
CA PHE D 205 14.51 -10.88 5.80
C PHE D 205 16.00 -10.87 6.14
N THR D 206 16.53 -12.04 6.48
CA THR D 206 17.94 -12.19 6.80
C THR D 206 18.53 -13.39 6.09
N LEU D 207 19.75 -13.21 5.59
CA LEU D 207 20.56 -14.27 5.03
C LEU D 207 21.74 -14.49 5.95
N THR D 208 21.85 -15.69 6.51
CA THR D 208 22.87 -16.01 7.50
C THR D 208 23.77 -17.12 6.96
N ILE D 209 25.07 -16.90 7.02
CA ILE D 209 26.07 -17.91 6.75
C ILE D 209 26.68 -18.29 8.09
N SER D 210 26.44 -19.53 8.51
CA SER D 210 26.90 -19.98 9.82
C SER D 210 28.42 -20.02 9.90
N SER D 211 29.04 -20.79 9.00
CA SER D 211 30.49 -20.91 8.92
C SER D 211 30.91 -20.44 7.54
N LEU D 212 31.60 -19.30 7.49
CA LEU D 212 32.02 -18.75 6.21
C LEU D 212 33.07 -19.65 5.56
N GLN D 213 33.04 -19.70 4.24
CA GLN D 213 33.94 -20.52 3.46
C GLN D 213 34.64 -19.66 2.44
N PRO D 214 35.79 -20.10 1.92
CA PRO D 214 36.52 -19.27 0.95
C PRO D 214 35.76 -19.00 -0.32
N GLU D 215 34.84 -19.88 -0.73
CA GLU D 215 34.12 -19.68 -1.98
C GLU D 215 32.95 -18.73 -1.84
N ASP D 216 32.54 -18.41 -0.62
CA ASP D 216 31.40 -17.52 -0.40
C ASP D 216 31.75 -16.04 -0.48
N PHE D 217 33.02 -15.68 -0.62
CA PHE D 217 33.34 -14.26 -0.70
C PHE D 217 32.82 -13.76 -2.04
N ALA D 218 31.62 -13.20 -2.03
CA ALA D 218 30.94 -12.75 -3.23
C ALA D 218 29.92 -11.69 -2.83
N THR D 219 29.16 -11.23 -3.82
CA THR D 219 28.10 -10.25 -3.59
C THR D 219 26.75 -10.95 -3.52
N TYR D 220 25.93 -10.57 -2.53
CA TYR D 220 24.65 -11.20 -2.32
C TYR D 220 23.53 -10.20 -2.57
N TYR D 221 22.55 -10.61 -3.37
CA TYR D 221 21.44 -9.75 -3.76
C TYR D 221 20.14 -10.37 -3.27
N CYS D 222 19.20 -9.52 -2.87
CA CYS D 222 17.86 -9.95 -2.50
C CYS D 222 16.86 -9.27 -3.45
N GLN D 223 15.92 -10.05 -3.95
CA GLN D 223 14.91 -9.56 -4.87
C GLN D 223 13.53 -9.89 -4.31
N GLN D 224 12.55 -9.07 -4.69
CA GLN D 224 11.17 -9.32 -4.36
C GLN D 224 10.39 -9.57 -5.64
N TYR D 225 9.38 -10.45 -5.55
CA TYR D 225 8.50 -10.71 -6.67
C TYR D 225 7.03 -10.68 -6.26
N ARG D 226 6.71 -9.98 -5.17
CA ARG D 226 5.32 -9.79 -4.81
C ARG D 226 4.63 -8.86 -5.82
N GLN D 227 5.31 -7.79 -6.21
CA GLN D 227 4.81 -6.85 -7.21
C GLN D 227 5.81 -6.73 -8.35
N ARG D 228 5.31 -6.76 -9.58
CA ARG D 228 6.20 -6.39 -10.68
C ARG D 228 6.15 -4.89 -10.92
N PRO D 229 7.27 -4.26 -11.28
CA PRO D 229 8.56 -4.86 -11.66
C PRO D 229 9.36 -5.43 -10.50
N PRO D 230 9.95 -6.61 -10.71
CA PRO D 230 10.78 -7.21 -9.66
C PRO D 230 12.03 -6.36 -9.44
N THR D 231 12.28 -6.04 -8.18
CA THR D 231 13.41 -5.20 -7.81
C THR D 231 14.42 -6.00 -6.99
N PHE D 232 15.68 -5.59 -7.10
CA PHE D 232 16.77 -6.19 -6.35
C PHE D 232 17.27 -5.20 -5.31
N GLY D 233 18.21 -5.66 -4.49
CA GLY D 233 18.91 -4.76 -3.60
C GLY D 233 20.21 -4.28 -4.22
N GLN D 234 20.84 -3.31 -3.55
CA GLN D 234 22.11 -2.81 -4.06
C GLN D 234 23.21 -3.85 -3.94
N GLY D 235 23.05 -4.82 -3.04
CA GLY D 235 24.00 -5.90 -2.90
C GLY D 235 24.86 -5.75 -1.66
N THR D 236 25.33 -6.89 -1.15
CA THR D 236 26.23 -6.92 0.00
C THR D 236 27.43 -7.77 -0.38
N LYS D 237 28.59 -7.13 -0.51
CA LYS D 237 29.82 -7.82 -0.89
C LYS D 237 30.58 -8.24 0.37
N VAL D 238 31.13 -9.45 0.33
CA VAL D 238 31.86 -10.03 1.46
C VAL D 238 33.33 -10.15 1.08
N GLU D 239 34.19 -9.47 1.85
CA GLU D 239 35.60 -9.40 1.58
C GLU D 239 36.40 -10.16 2.65
N ILE D 240 37.70 -10.21 2.46
CA ILE D 240 38.60 -10.91 3.38
C ILE D 240 39.09 -9.96 4.47
N LYS D 241 40.06 -10.41 5.26
CA LYS D 241 40.64 -9.62 6.34
C LYS D 241 39.59 -9.08 7.29
N LEU E 6 15.79 8.12 20.64
CA LEU E 6 15.05 8.62 21.79
C LEU E 6 14.33 7.53 22.58
N LEU E 7 13.15 7.13 22.13
CA LEU E 7 12.32 6.20 22.91
C LEU E 7 12.63 4.76 22.49
N GLU E 8 13.11 3.98 23.44
CA GLU E 8 13.48 2.58 23.22
C GLU E 8 12.41 1.65 23.76
N SER E 9 12.32 0.46 23.16
CA SER E 9 11.36 -0.55 23.59
C SER E 9 11.80 -1.90 23.04
N GLY E 10 11.10 -2.94 23.49
CA GLY E 10 11.36 -4.29 23.01
C GLY E 10 12.18 -5.14 23.97
N GLY E 12 14.26 -6.71 27.76
CA GLY E 12 13.37 -7.69 28.36
C GLY E 12 14.09 -8.67 29.25
N LEU E 13 13.48 -9.83 29.48
CA LEU E 13 14.15 -10.90 30.19
C LEU E 13 13.96 -12.20 29.42
N VAL E 14 15.09 -12.87 29.13
CA VAL E 14 15.07 -14.11 28.36
C VAL E 14 16.13 -15.07 28.91
N GLN E 15 15.93 -16.35 28.64
CA GLN E 15 16.86 -17.41 29.02
C GLN E 15 18.03 -17.48 28.05
N PRO E 16 19.16 -18.04 28.50
CA PRO E 16 20.32 -18.17 27.62
C PRO E 16 19.98 -18.90 26.32
N GLY E 17 20.49 -18.38 25.22
CA GLY E 17 20.20 -18.89 23.89
C GLY E 17 19.04 -18.22 23.20
N GLY E 18 18.27 -17.39 23.91
CA GLY E 18 17.12 -16.72 23.33
C GLY E 18 17.49 -15.58 22.42
N SER E 19 16.46 -14.91 21.89
CA SER E 19 16.63 -13.80 20.98
C SER E 19 15.73 -12.64 21.37
N LEU E 20 16.12 -11.44 20.95
CA LEU E 20 15.34 -10.25 21.23
C LEU E 20 15.52 -9.26 20.09
N ARG E 21 14.56 -8.36 19.95
CA ARG E 21 14.68 -7.28 18.97
C ARG E 21 14.38 -5.97 19.67
N LEU E 22 15.40 -5.13 19.81
CA LEU E 22 15.26 -3.82 20.44
C LEU E 22 14.99 -2.78 19.36
N SER E 23 14.02 -1.90 19.62
CA SER E 23 13.64 -0.87 18.67
C SER E 23 13.77 0.49 19.35
N CYS E 24 14.50 1.40 18.72
CA CYS E 24 14.72 2.74 19.25
C CYS E 24 14.19 3.73 18.22
N ALA E 25 13.05 4.34 18.54
CA ALA E 25 12.43 5.35 17.68
C ALA E 25 12.96 6.72 18.05
N ALA E 26 13.62 7.37 17.10
CA ALA E 26 14.19 8.69 17.27
C ALA E 26 13.32 9.73 16.57
N SER E 27 13.31 10.95 17.10
CA SER E 27 12.54 12.02 16.51
C SER E 27 13.11 13.36 16.97
N GLY E 28 13.03 14.35 16.09
CA GLY E 28 13.53 15.69 16.39
C GLY E 28 14.82 16.06 15.70
N PHE E 29 15.35 15.20 14.83
CA PHE E 29 16.56 15.50 14.09
C PHE E 29 16.59 14.64 12.84
N THR E 30 17.50 14.99 11.93
CA THR E 30 17.65 14.25 10.67
C THR E 30 18.30 12.90 10.95
N PHE E 31 17.47 11.88 11.09
CA PHE E 31 17.97 10.55 11.46
C PHE E 31 18.89 9.99 10.38
N SER E 32 18.56 10.19 9.11
CA SER E 32 19.32 9.62 8.00
C SER E 32 20.67 10.28 7.79
N SER E 33 21.00 11.35 8.52
CA SER E 33 22.26 12.03 8.34
C SER E 33 23.30 11.67 9.41
N TYR E 34 22.89 11.10 10.53
CA TYR E 34 23.78 10.76 11.63
C TYR E 34 23.89 9.24 11.77
N ALA E 35 25.02 8.81 12.32
CA ALA E 35 25.22 7.40 12.65
C ALA E 35 24.48 7.04 13.94
N MET E 36 24.24 5.75 14.12
CA MET E 36 23.51 5.28 15.30
C MET E 36 24.26 4.13 15.95
N SER E 37 24.24 4.08 17.28
CA SER E 37 25.01 3.08 18.01
C SER E 37 24.16 2.52 19.13
N TRP E 38 24.50 1.30 19.53
CA TRP E 38 23.96 0.67 20.73
C TRP E 38 25.10 0.48 21.71
N VAL E 39 24.85 0.88 22.96
CA VAL E 39 25.81 0.76 24.07
C VAL E 39 25.09 0.13 25.25
N ARG E 40 25.68 -0.92 25.80
CA ARG E 40 25.08 -1.64 26.92
C ARG E 40 25.87 -1.35 28.20
N GLN E 41 25.17 -1.44 29.33
CA GLN E 41 25.74 -1.27 30.65
C GLN E 41 25.35 -2.49 31.46
N ALA E 42 26.34 -3.31 31.80
CA ALA E 42 26.07 -4.47 32.64
C ALA E 42 25.70 -3.99 34.04
N PRO E 43 24.94 -4.79 34.79
CA PRO E 43 24.59 -4.38 36.16
C PRO E 43 25.84 -4.25 37.03
N GLY E 44 26.01 -3.07 37.63
CA GLY E 44 27.16 -2.82 38.48
C GLY E 44 28.50 -2.72 37.79
N LYS E 45 28.52 -2.39 36.50
CA LYS E 45 29.76 -2.21 35.75
C LYS E 45 29.74 -0.88 35.00
N GLY E 46 30.78 -0.65 34.22
CA GLY E 46 30.89 0.55 33.42
C GLY E 46 30.16 0.40 32.09
N LEU E 47 30.16 1.48 31.32
CA LEU E 47 29.52 1.45 30.01
C LEU E 47 30.38 0.66 29.03
N GLU E 48 29.71 0.02 28.07
CA GLU E 48 30.39 -0.80 27.07
C GLU E 48 29.69 -0.63 25.73
N TRP E 49 30.44 -0.17 24.73
CA TRP E 49 29.90 -0.03 23.38
C TRP E 49 29.75 -1.41 22.75
N VAL E 50 28.57 -1.68 22.21
CA VAL E 50 28.29 -2.99 21.59
C VAL E 50 28.31 -2.88 20.07
N SER E 51 27.58 -1.94 19.47
CA SER E 51 27.56 -1.91 18.01
C SER E 51 27.32 -0.50 17.49
N THR E 52 27.61 -0.31 16.20
CA THR E 52 27.38 0.98 15.56
C THR E 52 27.14 0.79 14.06
N ILE E 53 26.27 1.64 13.52
CA ILE E 53 25.91 1.69 12.10
C ILE E 53 26.08 3.11 11.56
N LEU E 54 26.38 3.16 10.26
CA LEU E 54 26.61 4.39 9.52
C LEU E 54 25.25 4.95 9.11
N GLN E 55 25.26 6.03 8.33
CA GLN E 55 24.02 6.73 8.03
C GLN E 55 23.12 5.88 7.15
N HIS E 56 23.50 5.67 5.90
CA HIS E 56 22.80 4.81 4.96
C HIS E 56 23.00 3.32 5.23
N GLY E 57 23.51 2.96 6.41
CA GLY E 57 23.85 1.58 6.71
C GLY E 57 24.90 1.05 5.76
N GLN E 58 25.86 1.90 5.39
CA GLN E 58 26.95 1.58 4.49
C GLN E 58 27.94 0.56 5.06
N ARG E 59 27.82 0.25 6.36
CA ARG E 59 28.77 -0.61 7.06
C ARG E 59 28.39 -0.72 8.53
N THR E 60 28.52 -1.91 9.10
CA THR E 60 28.18 -2.15 10.49
C THR E 60 29.43 -2.58 11.23
N LEU E 61 29.55 -2.15 12.49
CA LEU E 61 30.67 -2.51 13.34
C LEU E 61 30.16 -3.08 14.65
N TYR E 62 30.77 -4.16 15.10
CA TYR E 62 30.35 -4.87 16.30
C TYR E 62 31.53 -5.01 17.25
N ALA E 63 31.22 -5.13 18.55
CA ALA E 63 32.22 -5.48 19.54
C ALA E 63 32.61 -6.95 19.39
N ASP E 64 33.82 -7.27 19.86
CA ASP E 64 34.34 -8.62 19.71
C ASP E 64 33.54 -9.64 20.51
N SER E 65 32.96 -9.22 21.65
CA SER E 65 32.17 -10.14 22.46
C SER E 65 30.84 -10.49 21.81
N VAL E 66 30.34 -9.63 20.93
CA VAL E 66 29.05 -9.83 20.26
C VAL E 66 29.20 -10.04 18.77
N LYS E 67 30.43 -10.18 18.27
CA LYS E 67 30.64 -10.36 16.84
C LYS E 67 30.09 -11.72 16.40
N GLY E 68 29.34 -11.73 15.31
CA GLY E 68 28.74 -12.95 14.79
C GLY E 68 27.40 -13.29 15.42
N ARG E 69 27.15 -12.83 16.65
CA ARG E 69 25.92 -13.13 17.37
C ARG E 69 24.88 -12.02 17.28
N PHE E 70 25.29 -10.76 17.19
CA PHE E 70 24.37 -9.64 17.15
C PHE E 70 24.23 -9.12 15.71
N THR E 71 23.05 -8.60 15.38
CA THR E 71 22.79 -8.07 14.04
C THR E 71 22.01 -6.77 14.19
N ILE E 72 22.64 -5.65 13.88
CA ILE E 72 22.00 -4.34 13.98
C ILE E 72 21.50 -3.91 12.60
N SER E 73 20.42 -3.14 12.58
CA SER E 73 19.82 -2.68 11.34
C SER E 73 19.12 -1.34 11.60
N ARG E 74 18.73 -0.68 10.50
CA ARG E 74 18.07 0.62 10.61
C ARG E 74 16.98 0.75 9.56
N ASP E 75 15.97 1.54 9.90
CA ASP E 75 14.88 1.90 9.00
C ASP E 75 14.89 3.43 8.91
N ASN E 76 15.50 3.95 7.84
CA ASN E 76 15.56 5.40 7.64
C ASN E 76 14.21 5.98 7.27
N SER E 77 13.31 5.16 6.71
CA SER E 77 11.97 5.63 6.39
C SER E 77 11.13 5.85 7.64
N LYS E 78 11.34 5.02 8.67
CA LYS E 78 10.63 5.14 9.93
C LYS E 78 11.44 5.85 11.01
N ASN E 79 12.70 6.19 10.71
CA ASN E 79 13.60 6.83 11.67
C ASN E 79 13.77 5.97 12.92
N THR E 80 14.05 4.68 12.70
CA THR E 80 14.14 3.73 13.80
C THR E 80 15.42 2.91 13.70
N LEU E 81 16.00 2.57 14.84
CA LEU E 81 17.21 1.74 14.90
C LEU E 81 16.86 0.43 15.61
N TYR E 82 17.08 -0.69 14.93
CA TYR E 82 16.75 -2.01 15.44
C TYR E 82 18.03 -2.78 15.77
N LEU E 83 17.93 -3.64 16.77
CA LEU E 83 19.05 -4.49 17.17
C LEU E 83 18.53 -5.88 17.49
N GLN E 84 18.87 -6.86 16.65
CA GLN E 84 18.48 -8.25 16.83
C GLN E 84 19.60 -9.00 17.56
N MET E 85 19.30 -9.48 18.76
CA MET E 85 20.23 -10.20 19.60
C MET E 85 19.87 -11.68 19.56
N ASN E 86 20.82 -12.52 19.14
CA ASN E 86 20.60 -13.95 19.04
C ASN E 86 21.64 -14.70 19.86
N SER E 87 21.28 -15.90 20.30
CA SER E 87 22.13 -16.73 21.15
C SER E 87 22.63 -15.94 22.36
N LEU E 88 21.70 -15.26 23.02
CA LEU E 88 22.05 -14.38 24.13
C LEU E 88 22.66 -15.18 25.27
N ARG E 89 23.80 -14.70 25.77
CA ARG E 89 24.47 -15.32 26.91
C ARG E 89 24.06 -14.59 28.19
N ALA E 90 24.43 -15.19 29.32
CA ALA E 90 24.13 -14.56 30.61
C ALA E 90 24.88 -13.24 30.78
N GLU E 91 26.08 -13.13 30.21
CA GLU E 91 26.84 -11.89 30.31
C GLU E 91 26.20 -10.75 29.53
N ASP E 92 25.42 -11.07 28.49
CA ASP E 92 24.82 -10.03 27.66
C ASP E 92 23.68 -9.30 28.36
N THR E 93 23.20 -9.80 29.49
CA THR E 93 22.16 -9.12 30.24
C THR E 93 22.68 -7.79 30.77
N ALA E 94 21.99 -6.72 30.42
CA ALA E 94 22.44 -5.36 30.75
C ALA E 94 21.32 -4.39 30.38
N VAL E 95 21.54 -3.11 30.66
CA VAL E 95 20.64 -2.06 30.20
C VAL E 95 21.20 -1.51 28.89
N TYR E 96 20.40 -1.56 27.84
CA TYR E 96 20.84 -1.21 26.49
C TYR E 96 20.30 0.16 26.10
N TYR E 97 21.20 1.08 25.78
CA TYR E 97 20.86 2.42 25.33
C TYR E 97 21.15 2.54 23.84
N CYS E 98 20.26 3.25 23.14
CA CYS E 98 20.55 3.66 21.77
C CYS E 98 21.10 5.08 21.84
N ALA E 99 22.25 5.30 21.22
CA ALA E 99 22.93 6.58 21.23
C ALA E 99 23.13 7.05 19.81
N LYS E 100 23.09 8.38 19.66
CA LYS E 100 23.30 9.07 18.39
C LYS E 100 24.81 9.12 18.19
N ASN E 101 25.27 9.13 16.92
CA ASN E 101 26.70 9.11 16.53
C ASN E 101 27.53 7.94 17.06
N ARG E 102 28.83 7.92 16.68
CA ARG E 102 29.76 6.87 17.08
C ARG E 102 30.79 7.36 18.09
N ALA E 103 31.48 8.46 17.80
CA ALA E 103 32.55 8.91 18.70
C ALA E 103 32.00 9.74 19.86
N VAL E 104 31.04 10.61 19.59
CA VAL E 104 30.45 11.48 20.60
C VAL E 104 28.97 11.19 20.67
N PHE E 105 28.54 10.51 21.73
CA PHE E 105 27.13 10.15 21.89
C PHE E 105 26.46 11.38 22.46
N ASP E 106 25.93 12.23 21.57
CA ASP E 106 25.37 13.49 22.02
C ASP E 106 24.02 13.30 22.67
N TYR E 107 23.18 12.45 22.11
CA TYR E 107 21.84 12.20 22.64
C TYR E 107 21.67 10.71 22.89
N TRP E 108 21.11 10.37 24.05
CA TRP E 108 20.98 8.98 24.46
C TRP E 108 19.51 8.60 24.64
N GLY E 109 19.23 7.31 24.46
CA GLY E 109 17.95 6.77 24.83
C GLY E 109 17.85 6.46 26.31
N GLN E 110 16.62 6.31 26.79
CA GLN E 110 16.40 6.06 28.21
C GLN E 110 16.87 4.67 28.63
N GLY E 111 17.07 3.76 27.68
CA GLY E 111 17.56 2.44 28.01
C GLY E 111 16.47 1.40 28.23
N THR E 112 16.75 0.17 27.84
CA THR E 112 15.84 -0.95 28.08
C THR E 112 16.59 -2.07 28.77
N LEU E 113 15.94 -2.68 29.77
CA LEU E 113 16.59 -3.69 30.59
C LEU E 113 16.53 -5.04 29.88
N VAL E 114 17.64 -5.76 29.88
CA VAL E 114 17.78 -7.07 29.27
C VAL E 114 18.30 -8.04 30.32
N THR E 115 17.50 -9.03 30.66
CA THR E 115 17.87 -10.01 31.68
C THR E 115 18.04 -11.38 31.06
N VAL E 116 19.17 -12.03 31.38
CA VAL E 116 19.48 -13.34 30.83
C VAL E 116 19.59 -14.38 31.95
N ASP E 135 44.21 -3.68 22.94
CA ASP E 135 43.09 -2.75 23.06
C ASP E 135 43.52 -1.50 23.85
N ILE E 136 42.57 -0.61 24.15
CA ILE E 136 42.86 0.63 24.87
C ILE E 136 42.06 0.65 26.17
N GLN E 137 42.74 0.96 27.27
CA GLN E 137 42.16 0.96 28.62
C GLN E 137 41.91 2.38 29.13
N MET E 138 40.77 2.56 29.79
CA MET E 138 40.38 3.82 30.41
C MET E 138 40.31 3.61 31.92
N THR E 139 41.06 4.41 32.69
CA THR E 139 41.05 4.30 34.14
C THR E 139 40.67 5.64 34.77
N GLN E 140 39.69 5.62 35.68
CA GLN E 140 39.28 6.83 36.37
C GLN E 140 39.74 6.81 37.82
N SER E 141 40.01 8.01 38.35
CA SER E 141 40.48 8.19 39.73
C SER E 141 39.84 9.45 40.29
N PRO E 142 39.21 9.37 41.46
CA PRO E 142 39.03 8.19 42.30
C PRO E 142 37.85 7.35 41.86
N SER E 143 37.65 6.17 42.45
CA SER E 143 36.47 5.38 42.13
C SER E 143 35.22 5.96 42.78
N SER E 144 35.37 6.63 43.91
CA SER E 144 34.25 7.29 44.57
C SER E 144 34.79 8.42 45.44
N LEU E 145 33.94 9.41 45.70
CA LEU E 145 34.30 10.53 46.56
C LEU E 145 33.03 11.10 47.17
N SER E 146 33.17 11.64 48.38
CA SER E 146 32.07 12.27 49.11
C SER E 146 32.40 13.73 49.32
N ALA E 147 31.57 14.62 48.78
CA ALA E 147 31.76 16.05 48.91
C ALA E 147 30.43 16.71 49.25
N SER E 148 30.52 17.96 49.71
CA SER E 148 29.36 18.76 50.07
C SER E 148 29.03 19.75 48.96
N VAL E 149 27.87 20.39 49.10
CA VAL E 149 27.42 21.36 48.10
C VAL E 149 28.35 22.56 48.10
N GLY E 150 28.72 23.00 46.89
CA GLY E 150 29.62 24.12 46.74
C GLY E 150 31.09 23.77 46.70
N ASP E 151 31.45 22.51 46.92
CA ASP E 151 32.84 22.10 46.94
C ASP E 151 33.42 22.06 45.54
N ARG E 152 34.74 21.93 45.47
CA ARG E 152 35.49 21.83 44.21
C ARG E 152 35.89 20.38 43.99
N VAL E 153 35.37 19.76 42.93
CA VAL E 153 35.61 18.35 42.67
C VAL E 153 36.47 18.20 41.42
N THR E 154 37.41 17.25 41.47
CA THR E 154 38.31 16.99 40.35
C THR E 154 38.39 15.48 40.12
N ILE E 155 38.13 15.05 38.88
CA ILE E 155 38.21 13.64 38.49
C ILE E 155 39.25 13.49 37.40
N THR E 156 40.09 12.46 37.51
CA THR E 156 41.19 12.22 36.58
C THR E 156 40.90 10.98 35.74
N CYS E 157 41.02 11.12 34.42
CA CYS E 157 40.86 10.03 33.47
C CYS E 157 42.20 9.79 32.80
N ARG E 158 42.72 8.56 32.92
CA ARG E 158 44.01 8.16 32.39
C ARG E 158 43.83 7.16 31.27
N ALA E 159 44.58 7.36 30.18
CA ALA E 159 44.53 6.51 29.01
C ALA E 159 45.77 5.62 28.95
N SER E 160 45.56 4.37 28.52
CA SER E 160 46.67 3.43 28.39
C SER E 160 47.61 3.84 27.27
N GLN E 161 47.09 4.58 26.28
CA GLN E 161 47.89 5.07 25.16
C GLN E 161 47.43 6.48 24.83
N SER E 162 48.20 7.16 23.98
CA SER E 162 47.89 8.53 23.62
C SER E 162 46.59 8.57 22.83
N ILE E 163 45.62 9.35 23.31
CA ILE E 163 44.35 9.53 22.62
C ILE E 163 44.19 10.97 22.15
N SER E 164 45.27 11.75 22.13
CA SER E 164 45.27 13.13 21.64
C SER E 164 44.26 13.93 22.46
N SER E 165 43.30 14.59 21.82
CA SER E 165 42.25 15.34 22.51
C SER E 165 40.88 14.71 22.27
N TYR E 166 40.85 13.40 22.09
CA TYR E 166 39.63 12.65 21.81
C TYR E 166 39.09 12.01 23.09
N LEU E 167 38.49 12.85 23.93
CA LEU E 167 37.88 12.41 25.18
C LEU E 167 36.53 13.08 25.37
N ASN E 168 35.56 12.30 25.85
CA ASN E 168 34.23 12.82 26.18
C ASN E 168 33.87 12.43 27.60
N TRP E 169 33.16 13.32 28.29
CA TRP E 169 32.71 13.12 29.66
C TRP E 169 31.19 13.13 29.74
N TYR E 170 30.64 12.09 30.38
CA TYR E 170 29.21 11.83 30.57
C TYR E 170 28.85 11.80 32.05
N GLN E 171 27.64 12.28 32.34
CA GLN E 171 27.05 12.26 33.67
C GLN E 171 25.82 11.35 33.67
N GLN E 172 25.83 10.35 34.55
CA GLN E 172 24.74 9.38 34.68
C GLN E 172 24.18 9.47 36.09
N LYS E 173 22.97 10.02 36.20
CA LYS E 173 22.22 9.99 37.44
C LYS E 173 21.70 8.58 37.71
N PRO E 174 21.33 8.29 38.96
CA PRO E 174 20.84 6.94 39.29
C PRO E 174 19.62 6.56 38.48
N GLY E 175 19.72 5.44 37.76
CA GLY E 175 18.62 4.90 36.99
C GLY E 175 18.27 5.66 35.73
N LYS E 176 19.01 6.69 35.36
CA LYS E 176 18.73 7.49 34.18
C LYS E 176 19.79 7.24 33.11
N ALA E 177 19.57 7.86 31.95
CA ALA E 177 20.50 7.73 30.84
C ALA E 177 21.70 8.66 31.01
N PRO E 178 22.87 8.25 30.52
CA PRO E 178 24.03 9.14 30.54
C PRO E 178 23.78 10.36 29.64
N LYS E 179 24.27 11.51 30.11
CA LYS E 179 24.15 12.76 29.37
C LYS E 179 25.55 13.25 29.03
N LEU E 180 25.71 13.75 27.80
CA LEU E 180 27.02 14.21 27.37
C LEU E 180 27.33 15.54 28.02
N LEU E 181 28.45 15.60 28.74
CA LEU E 181 28.89 16.83 29.38
C LEU E 181 29.91 17.56 28.52
N ILE E 182 31.03 16.92 28.22
CA ILE E 182 32.04 17.57 27.38
C ILE E 182 32.49 16.62 26.29
N TYR E 183 32.88 17.19 25.15
CA TYR E 183 33.47 16.43 24.06
C TYR E 183 34.75 17.11 23.58
N THR E 184 35.56 16.35 22.83
CA THR E 184 36.88 16.77 22.37
C THR E 184 37.76 17.31 23.50
N ALA E 185 37.87 16.51 24.56
CA ALA E 185 38.81 16.78 25.64
C ALA E 185 38.45 18.00 26.49
N SER E 186 38.04 19.10 25.85
CA SER E 186 37.81 20.34 26.56
C SER E 186 36.58 21.11 26.13
N THR E 187 36.06 20.90 24.92
CA THR E 187 34.92 21.67 24.44
C THR E 187 33.66 21.30 25.22
N LEU E 188 32.98 22.31 25.76
CA LEU E 188 31.77 22.08 26.53
C LEU E 188 30.59 21.84 25.59
N GLN E 189 29.73 20.90 25.97
CA GLN E 189 28.54 20.60 25.19
C GLN E 189 27.47 21.64 25.44
N SER E 190 26.72 21.99 24.39
CA SER E 190 25.62 22.94 24.53
C SER E 190 24.59 22.39 25.51
N GLY E 191 24.24 23.20 26.50
CA GLY E 191 23.33 22.79 27.55
C GLY E 191 24.00 22.39 28.84
N VAL E 192 25.34 22.34 28.86
CA VAL E 192 26.10 21.98 30.06
C VAL E 192 26.39 23.25 30.87
N PRO E 193 26.25 23.20 32.19
CA PRO E 193 26.54 24.39 33.00
C PRO E 193 27.98 24.84 32.84
N SER E 194 28.21 26.14 33.05
CA SER E 194 29.55 26.71 32.86
C SER E 194 30.53 26.29 33.94
N ARG E 195 30.05 25.75 35.06
CA ARG E 195 30.96 25.30 36.12
C ARG E 195 31.75 24.07 35.75
N PHE E 196 31.25 23.26 34.82
CA PHE E 196 31.98 22.07 34.39
C PHE E 196 33.09 22.48 33.44
N SER E 197 34.28 21.95 33.67
CA SER E 197 35.43 22.30 32.83
C SER E 197 36.28 21.06 32.60
N GLY E 198 36.55 20.76 31.34
CA GLY E 198 37.39 19.64 30.96
C GLY E 198 38.73 20.14 30.44
N SER E 199 39.81 19.49 30.89
CA SER E 199 41.15 19.88 30.48
C SER E 199 42.00 18.64 30.37
N GLY E 200 43.20 18.81 29.83
CA GLY E 200 44.14 17.72 29.67
C GLY E 200 44.32 17.34 28.21
N SER E 201 45.28 16.44 28.01
CA SER E 201 45.62 15.96 26.67
C SER E 201 46.41 14.67 26.79
N GLY E 202 46.70 14.07 25.64
CA GLY E 202 47.54 12.89 25.58
C GLY E 202 46.97 11.69 26.31
N THR E 203 47.48 11.45 27.51
CA THR E 203 47.02 10.35 28.35
C THR E 203 46.46 10.82 29.68
N ASP E 204 46.39 12.13 29.93
CA ASP E 204 45.94 12.66 31.21
C ASP E 204 44.85 13.67 30.96
N PHE E 205 43.68 13.44 31.55
CA PHE E 205 42.55 14.34 31.42
C PHE E 205 41.93 14.57 32.79
N THR E 206 41.37 15.75 33.00
CA THR E 206 40.71 16.07 34.24
C THR E 206 39.38 16.75 33.94
N LEU E 207 38.36 16.34 34.66
CA LEU E 207 37.05 16.98 34.64
C LEU E 207 36.87 17.62 36.00
N THR E 208 36.71 18.94 36.03
CA THR E 208 36.63 19.68 37.27
C THR E 208 35.27 20.36 37.35
N ILE E 209 34.64 20.20 38.50
CA ILE E 209 33.39 20.87 38.83
C ILE E 209 33.74 21.98 39.80
N SER E 210 33.55 23.22 39.35
CA SER E 210 33.94 24.39 40.12
C SER E 210 33.13 24.49 41.41
N SER E 211 31.80 24.55 41.28
CA SER E 211 30.89 24.61 42.41
C SER E 211 29.92 23.45 42.32
N LEU E 212 30.04 22.48 43.23
CA LEU E 212 29.14 21.34 43.20
C LEU E 212 27.73 21.78 43.55
N GLN E 213 26.75 21.12 42.95
CA GLN E 213 25.34 21.42 43.13
C GLN E 213 24.61 20.19 43.63
N PRO E 214 23.44 20.36 44.26
CA PRO E 214 22.72 19.19 44.79
C PRO E 214 22.29 18.20 43.71
N GLU E 215 22.00 18.68 42.50
CA GLU E 215 21.61 17.79 41.41
C GLU E 215 22.80 17.21 40.66
N ASP E 216 24.02 17.71 40.91
CA ASP E 216 25.20 17.24 40.19
C ASP E 216 25.77 15.94 40.74
N PHE E 217 25.24 15.44 41.85
CA PHE E 217 25.75 14.21 42.47
C PHE E 217 25.32 13.02 41.61
N ALA E 218 26.25 12.52 40.80
CA ALA E 218 25.98 11.43 39.87
C ALA E 218 27.28 10.70 39.57
N THR E 219 27.21 9.73 38.67
CA THR E 219 28.40 8.98 38.27
C THR E 219 28.95 9.54 36.97
N TYR E 220 30.26 9.71 36.90
CA TYR E 220 30.90 10.36 35.76
C TYR E 220 31.77 9.36 35.00
N TYR E 221 31.59 9.30 33.68
CA TYR E 221 32.32 8.40 32.82
C TYR E 221 33.12 9.18 31.78
N CYS E 222 34.28 8.67 31.41
CA CYS E 222 35.10 9.22 30.35
C CYS E 222 35.28 8.19 29.24
N GLN E 223 35.14 8.64 27.99
CA GLN E 223 35.29 7.80 26.82
C GLN E 223 36.34 8.40 25.90
N GLN E 224 36.99 7.53 25.13
CA GLN E 224 37.90 7.95 24.08
C GLN E 224 37.40 7.43 22.74
N TYR E 225 37.65 8.18 21.66
CA TYR E 225 37.31 7.70 20.33
C TYR E 225 38.47 7.83 19.36
N ARG E 226 39.70 7.86 19.86
CA ARG E 226 40.85 7.84 18.97
C ARG E 226 40.98 6.51 18.25
N GLN E 227 40.73 5.41 18.95
CA GLN E 227 40.79 4.08 18.36
C GLN E 227 39.44 3.39 18.49
N ARG E 228 39.01 2.75 17.42
CA ARG E 228 37.85 1.91 17.61
C ARG E 228 38.28 0.52 18.07
N PRO E 229 37.55 -0.11 19.00
CA PRO E 229 36.27 0.30 19.60
C PRO E 229 36.39 1.40 20.65
N PRO E 230 35.46 2.35 20.68
CA PRO E 230 35.47 3.36 21.75
C PRO E 230 35.17 2.71 23.10
N THR E 231 36.02 3.00 24.08
CA THR E 231 35.92 2.42 25.41
C THR E 231 35.59 3.50 26.44
N PHE E 232 34.96 3.08 27.53
CA PHE E 232 34.59 3.97 28.62
C PHE E 232 35.48 3.70 29.83
N GLY E 233 35.30 4.55 30.85
CA GLY E 233 35.97 4.35 32.12
C GLY E 233 35.12 3.57 33.12
N GLN E 234 35.76 3.21 34.24
CA GLN E 234 35.08 2.46 35.29
C GLN E 234 34.01 3.29 35.98
N GLY E 235 34.10 4.61 35.94
CA GLY E 235 33.10 5.45 36.56
C GLY E 235 33.59 6.05 37.86
N THR E 236 33.05 7.22 38.20
CA THR E 236 33.38 7.92 39.44
C THR E 236 32.08 8.25 40.16
N LYS E 237 31.89 7.66 41.33
CA LYS E 237 30.66 7.86 42.10
C LYS E 237 30.82 9.09 42.99
N VAL E 238 29.79 9.94 42.99
CA VAL E 238 29.78 11.16 43.77
C VAL E 238 28.67 11.06 44.81
N GLU E 239 29.05 11.04 46.08
CA GLU E 239 28.15 10.90 47.21
C GLU E 239 28.16 12.18 48.04
N ILE E 240 27.38 12.18 49.11
CA ILE E 240 27.32 13.34 50.00
C ILE E 240 28.40 13.23 51.06
N SER F 1 -8.00 -10.23 -4.99
CA SER F 1 -8.33 -9.92 -6.38
C SER F 1 -7.17 -10.27 -7.31
N LEU F 2 -6.34 -11.21 -6.88
CA LEU F 2 -5.20 -11.70 -7.64
C LEU F 2 -5.54 -12.94 -8.46
N LEU F 3 -5.20 -12.92 -9.75
CA LEU F 3 -5.27 -14.09 -10.61
C LEU F 3 -3.83 -14.55 -10.78
N THR F 4 -3.55 -15.82 -10.46
CA THR F 4 -2.17 -16.25 -10.31
C THR F 4 -1.59 -16.84 -11.58
N GLU F 5 -0.42 -16.33 -11.97
CA GLU F 5 0.38 -16.89 -13.05
C GLU F 5 1.29 -17.94 -12.44
N VAL F 6 1.48 -19.04 -13.14
CA VAL F 6 2.22 -20.18 -12.58
C VAL F 6 3.48 -20.46 -13.38
N GLU F 7 4.60 -20.55 -12.67
CA GLU F 7 5.91 -20.88 -13.22
C GLU F 7 6.53 -21.94 -12.32
N THR F 8 7.15 -22.96 -12.90
CA THR F 8 7.76 -24.03 -12.13
C THR F 8 9.29 -23.98 -12.18
N PRO F 9 9.95 -23.57 -11.10
CA PRO F 9 11.42 -23.57 -11.07
C PRO F 9 11.96 -24.99 -11.16
N ILE F 10 12.77 -25.24 -12.18
CA ILE F 10 13.39 -26.55 -12.41
C ILE F 10 12.35 -27.67 -12.43
N SER G 1 -6.34 -7.47 -11.13
CA SER G 1 -5.60 -8.32 -12.07
C SER G 1 -4.13 -8.35 -11.72
N LEU G 2 -3.82 -8.22 -10.44
CA LEU G 2 -2.43 -8.27 -10.00
C LEU G 2 -2.05 -9.73 -9.86
N LEU G 3 -0.92 -10.11 -10.45
CA LEU G 3 -0.53 -11.50 -10.51
C LEU G 3 0.52 -11.83 -9.47
N THR G 4 0.18 -12.77 -8.59
CA THR G 4 1.11 -13.38 -7.65
C THR G 4 1.49 -14.72 -8.27
N GLU G 5 2.79 -14.99 -8.39
CA GLU G 5 3.23 -16.25 -8.96
C GLU G 5 3.34 -17.33 -7.90
N VAL G 6 2.79 -18.50 -8.22
CA VAL G 6 2.83 -19.68 -7.36
C VAL G 6 3.49 -20.79 -8.18
N GLU G 7 4.48 -21.45 -7.58
CA GLU G 7 5.17 -22.53 -8.28
C GLU G 7 4.44 -23.84 -8.05
N THR G 8 4.22 -24.59 -9.13
CA THR G 8 3.59 -25.90 -9.03
C THR G 8 4.62 -26.96 -9.38
N PRO G 9 5.19 -27.64 -8.39
CA PRO G 9 6.15 -28.72 -8.66
C PRO G 9 5.48 -29.85 -9.45
N ILE G 10 6.03 -30.15 -10.60
CA ILE G 10 5.48 -31.20 -11.46
C ILE G 10 6.40 -32.41 -11.49
#